data_1L9B
#
_entry.id   1L9B
#
_cell.length_a   78.222
_cell.length_b   115.650
_cell.length_c   79.677
_cell.angle_alpha   90.00
_cell.angle_beta   110.29
_cell.angle_gamma   90.00
#
_symmetry.space_group_name_H-M   'P 1 21 1'
#
loop_
_entity.id
_entity.type
_entity.pdbx_description
1 polymer 'REACTION CENTER PROTEIN L CHAIN'
2 polymer 'REACTION CENTER PROTEIN M CHAIN'
3 polymer 'REACTION CENTER PROTEIN H CHAIN'
4 polymer 'cytochrome c-2'
5 non-polymer 'SODIUM ION'
6 non-polymer 'BACTERIOCHLOROPHYLL A'
7 non-polymer 'BACTERIOPHEOPHYTIN A'
8 non-polymer 'LAURYL DIMETHYLAMINE-N-OXIDE'
9 non-polymer HEPTANE-1,2,3-TRIOL
10 non-polymer 'FE (II) ION'
11 non-polymer 'CHLORIDE ION'
12 non-polymer UBIQUINONE-10
13 non-polymer 'PROTOPORPHYRIN IX CONTAINING FE'
14 water water
#
loop_
_entity_poly.entity_id
_entity_poly.type
_entity_poly.pdbx_seq_one_letter_code
_entity_poly.pdbx_strand_id
1 'polypeptide(L)'
;ALLSFERKYRVPGGTLVGGNLFDFWVGPFYVGFFGVATFFFAALGIILIAWSAVLQGTWNPQLISVYPPALEYGLGGAPL
AKGGLWQIITICATGAFVSWALREVEICRKLGIGYHIPFAFAFAILAYLTLVLFRPVMMGAWGYAFPYGIWTHLDWVSNT
GYTYGNFHYNPAHMIAISFFFTNALALALHGALVLSAANPEKGKEMRTPDHEDTFFRDLVGYSIGTLGIHRLGLLLSLSA
VFFSALCMIITGTIWFDQWVDWWQWWVKLPWWANIPGGING
;
L
2 'polypeptide(L)'
;AEYQNIFSQVQVRGPADLGMTEDVNLANRSGVGPFSTLLGWFGNAQLGPIYLGSLGVLSLFSGLMWFFTIGIWFWYQAGW
NPAVFLRDLFFFSLEPPAPEYGLSFAAPLKEGGLWLIASFFMFVAVWSWWGRTYLRAQALGMGKHTAWAFLSAIWLWMVL
GFIRPILMGSWSEAVPYGIFSHLDWTNNFSLVHGNLFYNPFHGLSIAFLYGSALLFAMHGATILAVSRFGGERELEQIAD
RGTAAERAALFWRWTMGFNATMEGIHRWAIWMAVLVTLTGGIGILLSGTVVDNWYVWGQNHGMAPLN
;
M
3 'polypeptide(L)'
;MVGVTAFGNFDLASLAIYSFWIFLAGLIYYLQTENMREGYPLENEDGTPAANQGPFPLPKPKTFILPHGRGTLTVPGPES
EDRPIALARTAVSEGFPHAPTGDPMKDGVGPASWVARRDLPELDGHGHNKIKPMKAAAGFHVSAGKNPIGLPVRGCDLEI
AGKVVDIWVDIPEQMARFLEVELKDGSTRLLPMQMVKVQSNRVHVNALSSDLFAGIPTIKSPTEVTLLEEDKICGYVAGG
LMYAAPKRKSVVAAMLAEYA
;
H
4 'polypeptide(L)'
;QEGDPEAGAKAFNQCQTCHVIVDDSGTTIAGRNAKTGPNLYGVVGRTAGTQADFKGYGEGMKEAGAKGLAWDEEHFVQYV
QDPTKFLKEYTGDAKAKGKMTFKLKKEADAHNIWAYLQQVAVRP
;
C
#
# COMPACT_ATOMS: atom_id res chain seq x y z
N ALA A 1 1.12 18.59 -28.35
CA ALA A 1 1.55 18.25 -26.96
C ALA A 1 0.35 18.20 -26.00
N LEU A 2 -0.84 17.94 -26.55
CA LEU A 2 -2.04 17.86 -25.74
C LEU A 2 -2.84 16.62 -26.13
N LEU A 3 -3.57 16.06 -25.18
CA LEU A 3 -4.40 14.90 -25.47
C LEU A 3 -5.55 15.44 -26.33
N SER A 4 -6.20 14.56 -27.08
CA SER A 4 -7.29 14.97 -27.95
C SER A 4 -8.49 15.64 -27.30
N PHE A 5 -8.52 15.70 -25.97
CA PHE A 5 -9.65 16.32 -25.29
C PHE A 5 -9.21 17.37 -24.28
N GLU A 6 -7.90 17.59 -24.20
CA GLU A 6 -7.33 18.53 -23.24
C GLU A 6 -7.75 19.98 -23.39
N ARG A 7 -7.55 20.53 -24.59
CA ARG A 7 -7.88 21.92 -24.91
C ARG A 7 -8.94 22.62 -24.06
N LYS A 8 -10.18 22.14 -24.11
CA LYS A 8 -11.27 22.77 -23.37
C LYS A 8 -11.05 22.92 -21.86
N TYR A 9 -10.03 22.25 -21.33
CA TYR A 9 -9.74 22.32 -19.89
C TYR A 9 -8.64 23.31 -19.56
N ARG A 10 -7.82 23.65 -20.56
CA ARG A 10 -6.72 24.57 -20.34
C ARG A 10 -7.11 26.04 -20.34
N VAL A 11 -8.05 26.40 -19.47
CA VAL A 11 -8.52 27.78 -19.34
C VAL A 11 -7.67 28.43 -18.24
N PRO A 12 -7.85 29.74 -18.00
CA PRO A 12 -7.06 30.40 -16.95
C PRO A 12 -7.75 30.39 -15.58
N GLY A 13 -6.97 30.54 -14.52
CA GLY A 13 -7.53 30.55 -13.19
C GLY A 13 -7.20 29.35 -12.32
N GLY A 14 -7.41 29.50 -11.02
CA GLY A 14 -7.14 28.40 -10.11
C GLY A 14 -5.92 28.61 -9.23
N THR A 15 -4.98 29.44 -9.65
CA THR A 15 -3.77 29.68 -8.87
C THR A 15 -4.07 30.25 -7.47
N LEU A 16 -3.20 29.94 -6.52
CA LEU A 16 -3.36 30.40 -5.13
C LEU A 16 -2.47 31.60 -4.84
N VAL A 17 -1.53 31.87 -5.73
CA VAL A 17 -0.60 32.99 -5.55
C VAL A 17 -0.06 33.52 -6.88
N GLY A 18 0.23 34.82 -6.93
CA GLY A 18 0.78 35.42 -8.13
C GLY A 18 -0.16 35.64 -9.31
N GLY A 19 -1.47 35.55 -9.07
CA GLY A 19 -2.41 35.76 -10.14
C GLY A 19 -2.06 34.96 -11.39
N ASN A 20 -1.99 35.65 -12.52
CA ASN A 20 -1.68 35.01 -13.80
C ASN A 20 -0.19 34.93 -14.11
N LEU A 21 0.62 35.47 -13.21
CA LEU A 21 2.07 35.48 -13.42
C LEU A 21 2.64 34.13 -13.86
N PHE A 22 2.35 33.08 -13.10
CA PHE A 22 2.88 31.75 -13.41
C PHE A 22 1.87 30.77 -13.99
N ASP A 23 0.62 31.19 -14.09
CA ASP A 23 -0.43 30.32 -14.61
C ASP A 23 -0.25 29.92 -16.08
N PHE A 24 0.59 28.91 -16.31
CA PHE A 24 0.85 28.39 -17.65
C PHE A 24 1.53 27.02 -17.58
N TRP A 25 1.59 26.34 -18.72
CA TRP A 25 2.19 25.01 -18.82
C TRP A 25 3.58 25.02 -19.45
N VAL A 26 4.23 23.86 -19.39
CA VAL A 26 5.56 23.66 -19.95
C VAL A 26 5.57 22.20 -20.36
N GLY A 27 5.02 21.92 -21.53
CA GLY A 27 4.94 20.55 -22.00
C GLY A 27 3.67 20.01 -21.37
N PRO A 28 3.73 18.89 -20.65
CA PRO A 28 2.51 18.37 -20.05
C PRO A 28 2.30 18.97 -18.67
N PHE A 29 3.39 19.45 -18.07
CA PHE A 29 3.35 20.01 -16.73
C PHE A 29 2.84 21.41 -16.52
N TYR A 30 1.99 21.56 -15.51
CA TYR A 30 1.45 22.86 -15.14
C TYR A 30 2.58 23.47 -14.29
N VAL A 31 2.63 24.79 -14.19
CA VAL A 31 3.67 25.43 -13.42
C VAL A 31 3.13 25.99 -12.12
N GLY A 32 2.49 27.14 -12.20
CA GLY A 32 1.94 27.78 -11.01
C GLY A 32 3.06 28.30 -10.15
N PHE A 33 2.74 29.16 -9.18
CA PHE A 33 3.76 29.72 -8.30
C PHE A 33 4.52 28.62 -7.56
N PHE A 34 3.80 27.62 -7.08
CA PHE A 34 4.42 26.53 -6.34
C PHE A 34 5.16 25.55 -7.24
N GLY A 35 5.10 25.82 -8.54
CA GLY A 35 5.81 24.99 -9.50
C GLY A 35 7.26 25.43 -9.47
N VAL A 36 7.48 26.74 -9.42
CA VAL A 36 8.85 27.26 -9.37
C VAL A 36 9.36 27.08 -7.95
N ALA A 37 8.44 27.11 -6.98
CA ALA A 37 8.79 26.92 -5.58
C ALA A 37 9.39 25.52 -5.43
N THR A 38 8.68 24.52 -5.96
CA THR A 38 9.16 23.15 -5.90
C THR A 38 10.53 23.02 -6.56
N PHE A 39 10.67 23.63 -7.73
CA PHE A 39 11.91 23.62 -8.48
C PHE A 39 13.05 24.28 -7.68
N PHE A 40 12.73 25.38 -7.03
CA PHE A 40 13.72 26.09 -6.22
C PHE A 40 14.24 25.16 -5.12
N PHE A 41 13.33 24.67 -4.28
CA PHE A 41 13.71 23.75 -3.20
C PHE A 41 14.39 22.50 -3.74
N ALA A 42 13.82 21.92 -4.78
CA ALA A 42 14.38 20.71 -5.36
C ALA A 42 15.82 20.90 -5.85
N ALA A 43 16.06 21.99 -6.59
CA ALA A 43 17.39 22.27 -7.13
C ALA A 43 18.43 22.45 -6.03
N LEU A 44 18.15 23.32 -5.08
CA LEU A 44 19.06 23.58 -3.97
C LEU A 44 19.44 22.29 -3.23
N GLY A 45 18.45 21.45 -2.97
CA GLY A 45 18.71 20.19 -2.28
C GLY A 45 19.55 19.25 -3.13
N ILE A 46 19.24 19.19 -4.41
CA ILE A 46 19.98 18.33 -5.34
C ILE A 46 21.42 18.80 -5.44
N ILE A 47 21.63 20.10 -5.26
CA ILE A 47 22.97 20.68 -5.33
C ILE A 47 23.75 20.43 -4.04
N LEU A 48 23.06 20.52 -2.91
CA LEU A 48 23.70 20.29 -1.61
C LEU A 48 24.09 18.83 -1.48
N ILE A 49 23.32 17.94 -2.11
CA ILE A 49 23.60 16.51 -2.08
C ILE A 49 24.84 16.22 -2.91
N ALA A 50 24.90 16.83 -4.10
CA ALA A 50 26.04 16.66 -5.01
C ALA A 50 27.29 17.24 -4.35
N TRP A 51 27.12 18.30 -3.56
CA TRP A 51 28.23 18.92 -2.86
C TRP A 51 28.72 17.99 -1.76
N SER A 52 27.79 17.47 -0.98
CA SER A 52 28.13 16.54 0.11
C SER A 52 28.85 15.32 -0.45
N ALA A 53 28.47 14.91 -1.65
CA ALA A 53 29.10 13.76 -2.31
C ALA A 53 30.54 14.11 -2.67
N VAL A 54 30.82 15.40 -2.82
CA VAL A 54 32.16 15.84 -3.15
C VAL A 54 32.99 15.83 -1.85
N LEU A 55 32.41 16.39 -0.79
CA LEU A 55 33.08 16.41 0.50
C LEU A 55 33.39 14.98 0.89
N GLN A 56 32.41 14.10 0.69
CA GLN A 56 32.60 12.69 1.00
C GLN A 56 33.56 12.09 -0.02
N GLY A 57 33.64 12.73 -1.18
CA GLY A 57 34.53 12.27 -2.23
C GLY A 57 34.06 10.97 -2.87
N THR A 58 33.02 11.06 -3.69
CA THR A 58 32.46 9.89 -4.36
C THR A 58 31.23 10.29 -5.16
N TRP A 59 31.10 9.75 -6.37
CA TRP A 59 29.95 10.05 -7.21
C TRP A 59 29.11 8.79 -7.36
N ASN A 60 29.47 7.76 -6.59
CA ASN A 60 28.76 6.48 -6.60
C ASN A 60 27.45 6.68 -5.83
N PRO A 61 26.31 6.65 -6.54
CA PRO A 61 24.99 6.83 -5.93
C PRO A 61 24.63 5.77 -4.89
N GLN A 62 25.35 4.65 -4.93
CA GLN A 62 25.14 3.56 -3.99
C GLN A 62 25.90 3.82 -2.69
N LEU A 63 26.85 4.75 -2.73
CA LEU A 63 27.64 5.07 -1.55
C LEU A 63 27.41 6.46 -0.98
N ILE A 64 26.93 7.39 -1.81
CA ILE A 64 26.68 8.74 -1.32
C ILE A 64 25.78 8.68 -0.10
N SER A 65 26.14 9.39 0.96
CA SER A 65 25.33 9.34 2.16
C SER A 65 25.52 10.58 3.02
N VAL A 66 24.44 11.34 3.18
CA VAL A 66 24.44 12.56 3.98
C VAL A 66 23.89 12.21 5.36
N TYR A 67 24.75 12.30 6.38
CA TYR A 67 24.38 11.97 7.76
C TYR A 67 23.92 13.13 8.61
N PRO A 68 22.93 12.89 9.49
CA PRO A 68 22.44 13.96 10.36
C PRO A 68 23.51 14.25 11.41
N PRO A 69 23.43 15.40 12.07
CA PRO A 69 24.42 15.75 13.10
C PRO A 69 24.58 14.60 14.12
N ALA A 70 25.74 14.56 14.77
CA ALA A 70 26.01 13.54 15.78
C ALA A 70 25.25 13.91 17.05
N LEU A 71 24.79 12.90 17.78
CA LEU A 71 24.04 13.13 19.02
C LEU A 71 24.63 14.21 19.93
N GLU A 72 25.94 14.31 19.97
CA GLU A 72 26.62 15.30 20.80
C GLU A 72 26.24 16.73 20.44
N TYR A 73 25.41 16.89 19.40
CA TYR A 73 24.97 18.22 18.97
C TYR A 73 23.60 18.61 19.48
N GLY A 74 22.81 17.62 19.93
CA GLY A 74 21.49 17.92 20.44
C GLY A 74 20.56 18.42 19.34
N LEU A 75 20.00 19.60 19.53
CA LEU A 75 19.09 20.18 18.55
C LEU A 75 19.61 21.47 17.92
N GLY A 76 20.88 21.74 18.12
CA GLY A 76 21.46 22.95 17.56
C GLY A 76 22.04 22.74 16.18
N GLY A 77 22.68 23.79 15.65
CA GLY A 77 23.28 23.69 14.34
C GLY A 77 24.54 22.85 14.37
N ALA A 78 25.11 22.61 13.20
CA ALA A 78 26.32 21.82 13.11
C ALA A 78 27.11 22.17 11.87
N PRO A 79 28.45 22.03 11.92
CA PRO A 79 29.28 22.34 10.76
C PRO A 79 28.68 21.72 9.50
N LEU A 80 28.77 22.43 8.39
CA LEU A 80 28.19 21.93 7.15
C LEU A 80 28.66 20.55 6.74
N ALA A 81 29.91 20.22 7.01
CA ALA A 81 30.42 18.92 6.64
C ALA A 81 30.11 17.84 7.67
N LYS A 82 29.58 18.26 8.83
CA LYS A 82 29.26 17.31 9.89
C LYS A 82 27.80 17.33 10.28
N GLY A 83 26.90 17.31 9.30
CA GLY A 83 25.48 17.32 9.60
C GLY A 83 24.73 18.58 9.17
N GLY A 84 25.47 19.67 8.97
CA GLY A 84 24.83 20.91 8.55
C GLY A 84 24.09 20.77 7.23
N LEU A 85 24.71 20.07 6.27
CA LEU A 85 24.09 19.86 4.98
C LEU A 85 22.84 19.01 5.12
N TRP A 86 22.87 18.06 6.05
CA TRP A 86 21.71 17.21 6.29
C TRP A 86 20.55 18.10 6.70
N GLN A 87 20.79 18.99 7.66
CA GLN A 87 19.76 19.90 8.14
C GLN A 87 19.20 20.83 7.06
N ILE A 88 20.07 21.34 6.18
CA ILE A 88 19.60 22.23 5.11
C ILE A 88 18.82 21.44 4.08
N ILE A 89 19.33 20.26 3.73
CA ILE A 89 18.66 19.42 2.75
C ILE A 89 17.27 18.98 3.21
N THR A 90 17.10 18.79 4.51
CA THR A 90 15.82 18.39 5.07
C THR A 90 14.81 19.54 4.95
N ILE A 91 15.30 20.76 5.09
CA ILE A 91 14.44 21.93 4.97
C ILE A 91 13.94 22.02 3.53
N CYS A 92 14.87 21.95 2.58
CA CYS A 92 14.53 22.01 1.16
C CYS A 92 13.59 20.87 0.78
N ALA A 93 13.81 19.70 1.37
CA ALA A 93 12.98 18.53 1.09
C ALA A 93 11.55 18.76 1.58
N THR A 94 11.41 19.27 2.80
CA THR A 94 10.09 19.55 3.36
C THR A 94 9.40 20.64 2.56
N GLY A 95 10.19 21.64 2.14
CA GLY A 95 9.64 22.71 1.34
C GLY A 95 9.17 22.20 -0.01
N ALA A 96 9.98 21.35 -0.65
CA ALA A 96 9.61 20.80 -1.95
C ALA A 96 8.34 19.94 -1.88
N PHE A 97 8.23 19.12 -0.82
CA PHE A 97 7.07 18.26 -0.65
C PHE A 97 5.81 19.08 -0.46
N VAL A 98 5.90 20.07 0.43
CA VAL A 98 4.77 20.95 0.71
C VAL A 98 4.38 21.70 -0.55
N SER A 99 5.36 22.26 -1.25
CA SER A 99 5.08 23.01 -2.48
C SER A 99 4.39 22.09 -3.48
N TRP A 100 4.86 20.85 -3.55
CA TRP A 100 4.30 19.87 -4.46
C TRP A 100 2.82 19.67 -4.18
N ALA A 101 2.46 19.63 -2.90
CA ALA A 101 1.08 19.43 -2.50
C ALA A 101 0.25 20.67 -2.83
N LEU A 102 0.80 21.85 -2.55
CA LEU A 102 0.10 23.09 -2.86
C LEU A 102 -0.09 23.26 -4.36
N ARG A 103 0.83 22.71 -5.14
CA ARG A 103 0.72 22.82 -6.59
C ARG A 103 -0.37 21.89 -7.13
N GLU A 104 -0.73 20.87 -6.35
CA GLU A 104 -1.79 19.96 -6.77
C GLU A 104 -3.11 20.64 -6.46
N VAL A 105 -3.13 21.40 -5.36
CA VAL A 105 -4.34 22.11 -4.95
C VAL A 105 -4.76 23.08 -6.07
N GLU A 106 -3.78 23.82 -6.60
CA GLU A 106 -4.05 24.76 -7.69
C GLU A 106 -4.62 23.99 -8.89
N ILE A 107 -4.03 22.84 -9.19
CA ILE A 107 -4.48 22.02 -10.30
C ILE A 107 -5.90 21.49 -10.05
N CYS A 108 -6.23 21.22 -8.79
CA CYS A 108 -7.58 20.75 -8.45
C CYS A 108 -8.58 21.85 -8.75
N ARG A 109 -8.23 23.07 -8.33
CA ARG A 109 -9.08 24.23 -8.52
C ARG A 109 -9.41 24.45 -9.98
N LYS A 110 -8.38 24.51 -10.82
CA LYS A 110 -8.60 24.73 -12.23
C LYS A 110 -9.48 23.65 -12.83
N LEU A 111 -9.39 22.42 -12.32
CA LEU A 111 -10.17 21.30 -12.84
C LEU A 111 -11.56 21.09 -12.22
N GLY A 112 -11.81 21.71 -11.08
CA GLY A 112 -13.12 21.58 -10.44
C GLY A 112 -13.33 20.27 -9.72
N ILE A 113 -12.25 19.63 -9.29
CA ILE A 113 -12.35 18.36 -8.58
C ILE A 113 -12.01 18.52 -7.10
N GLY A 114 -12.30 17.48 -6.32
CA GLY A 114 -12.03 17.50 -4.89
C GLY A 114 -10.57 17.58 -4.51
N TYR A 115 -10.31 17.82 -3.22
CA TYR A 115 -8.95 17.95 -2.69
C TYR A 115 -8.41 16.68 -2.05
N HIS A 116 -9.06 15.55 -2.30
CA HIS A 116 -8.64 14.29 -1.70
C HIS A 116 -7.19 13.88 -1.96
N ILE A 117 -6.69 14.16 -3.15
CA ILE A 117 -5.32 13.80 -3.51
C ILE A 117 -4.27 14.51 -2.66
N PRO A 118 -4.24 15.85 -2.69
CA PRO A 118 -3.21 16.45 -1.85
C PRO A 118 -3.45 16.19 -0.38
N PHE A 119 -4.70 15.93 0.00
CA PHE A 119 -4.99 15.62 1.39
C PHE A 119 -4.28 14.32 1.76
N ALA A 120 -4.47 13.29 0.92
CA ALA A 120 -3.86 11.98 1.11
C ALA A 120 -2.35 12.06 1.14
N PHE A 121 -1.78 12.83 0.21
CA PHE A 121 -0.34 13.02 0.13
C PHE A 121 0.23 13.57 1.43
N ALA A 122 -0.53 14.45 2.06
CA ALA A 122 -0.12 15.06 3.32
C ALA A 122 0.21 14.00 4.39
N PHE A 123 -0.48 12.87 4.36
CA PHE A 123 -0.23 11.81 5.33
C PHE A 123 1.18 11.26 5.20
N ALA A 124 1.67 11.23 3.95
CA ALA A 124 3.00 10.73 3.66
C ALA A 124 4.02 11.71 4.20
N ILE A 125 3.74 13.00 4.07
CA ILE A 125 4.67 14.01 4.55
C ILE A 125 4.77 14.00 6.07
N LEU A 126 3.64 13.87 6.76
CA LEU A 126 3.67 13.83 8.23
C LEU A 126 4.48 12.61 8.70
N ALA A 127 4.45 11.53 7.93
CA ALA A 127 5.20 10.32 8.30
C ALA A 127 6.69 10.62 8.17
N TYR A 128 7.05 11.34 7.10
CA TYR A 128 8.42 11.73 6.84
C TYR A 128 8.91 12.62 7.98
N LEU A 129 8.13 13.65 8.30
CA LEU A 129 8.49 14.58 9.37
C LEU A 129 8.55 13.88 10.73
N THR A 130 7.81 12.78 10.87
CA THR A 130 7.81 12.05 12.14
C THR A 130 9.19 11.44 12.37
N LEU A 131 9.83 11.01 11.30
CA LEU A 131 11.15 10.41 11.40
C LEU A 131 12.30 11.40 11.38
N VAL A 132 12.10 12.60 10.84
CA VAL A 132 13.21 13.55 10.81
C VAL A 132 13.00 14.77 11.69
N LEU A 133 11.75 15.03 12.09
CA LEU A 133 11.48 16.19 12.93
C LEU A 133 10.88 15.88 14.33
N PHE A 134 9.62 15.45 14.37
CA PHE A 134 8.94 15.17 15.65
C PHE A 134 9.67 14.23 16.61
N ARG A 135 9.97 13.02 16.14
CA ARG A 135 10.66 12.03 16.95
C ARG A 135 12.04 12.53 17.40
N PRO A 136 12.86 13.08 16.47
CA PRO A 136 14.18 13.59 16.88
C PRO A 136 14.06 14.72 17.89
N VAL A 137 13.08 15.58 17.71
CA VAL A 137 12.86 16.69 18.62
C VAL A 137 12.40 16.19 19.99
N MET A 138 11.61 15.12 20.00
CA MET A 138 11.14 14.56 21.27
C MET A 138 12.25 13.83 22.00
N MET A 139 13.26 13.40 21.27
CA MET A 139 14.36 12.66 21.88
C MET A 139 15.59 13.52 22.20
N GLY A 140 15.55 14.78 21.80
CA GLY A 140 16.67 15.66 22.12
C GLY A 140 17.82 15.80 21.15
N ALA A 141 17.78 15.12 20.01
CA ALA A 141 18.88 15.21 19.06
C ALA A 141 18.53 14.82 17.63
N TRP A 142 19.08 15.58 16.68
CA TRP A 142 18.86 15.33 15.25
C TRP A 142 19.45 13.98 14.87
N GLY A 143 20.48 13.56 15.60
CA GLY A 143 21.14 12.29 15.34
C GLY A 143 20.25 11.07 15.27
N TYR A 144 19.05 11.15 15.83
CA TYR A 144 18.13 10.03 15.81
C TYR A 144 17.44 9.87 14.45
N ALA A 145 17.48 10.93 13.64
CA ALA A 145 16.88 10.88 12.31
C ALA A 145 17.69 9.94 11.41
N PHE A 146 17.08 9.43 10.35
CA PHE A 146 17.78 8.53 9.44
C PHE A 146 18.64 9.32 8.44
N PRO A 147 19.69 8.69 7.89
CA PRO A 147 20.61 9.32 6.92
C PRO A 147 20.10 9.23 5.47
N TYR A 148 20.54 10.15 4.63
CA TYR A 148 20.12 10.14 3.22
C TYR A 148 21.15 9.39 2.39
N GLY A 149 20.88 8.11 2.17
CA GLY A 149 21.75 7.25 1.40
C GLY A 149 21.01 5.96 1.13
N ILE A 150 21.04 5.51 -0.13
CA ILE A 150 20.33 4.30 -0.52
C ILE A 150 20.49 3.12 0.42
N TRP A 151 21.70 2.89 0.91
CA TRP A 151 21.92 1.75 1.79
C TRP A 151 22.10 2.11 3.25
N THR A 152 22.63 3.30 3.52
CA THR A 152 22.84 3.69 4.89
C THR A 152 21.53 3.89 5.63
N HIS A 153 20.45 4.13 4.90
CA HIS A 153 19.18 4.32 5.58
C HIS A 153 18.52 3.00 5.94
N LEU A 154 18.91 1.93 5.26
CA LEU A 154 18.37 0.61 5.57
C LEU A 154 19.09 0.11 6.83
N ASP A 155 20.36 0.45 6.96
CA ASP A 155 21.12 0.05 8.15
C ASP A 155 20.55 0.77 9.36
N TRP A 156 20.11 2.02 9.16
CA TRP A 156 19.53 2.81 10.24
C TRP A 156 18.23 2.14 10.69
N VAL A 157 17.48 1.58 9.74
CA VAL A 157 16.24 0.91 10.08
C VAL A 157 16.56 -0.32 10.92
N SER A 158 17.59 -1.05 10.50
CA SER A 158 18.00 -2.27 11.20
C SER A 158 18.52 -2.01 12.62
N ASN A 159 19.39 -1.02 12.77
CA ASN A 159 19.94 -0.71 14.09
C ASN A 159 18.88 -0.14 15.04
N THR A 160 18.05 0.77 14.54
CA THR A 160 17.01 1.34 15.37
C THR A 160 16.11 0.19 15.81
N GLY A 161 15.70 -0.63 14.85
CA GLY A 161 14.84 -1.75 15.16
C GLY A 161 15.41 -2.60 16.29
N TYR A 162 16.57 -3.20 16.07
CA TYR A 162 17.17 -4.07 17.08
C TYR A 162 17.54 -3.36 18.39
N THR A 163 17.44 -2.04 18.42
CA THR A 163 17.75 -1.31 19.64
C THR A 163 16.69 -1.72 20.68
N TYR A 164 15.57 -2.23 20.18
CA TYR A 164 14.46 -2.66 21.02
C TYR A 164 14.10 -4.12 20.81
N GLY A 165 15.11 -4.99 20.66
CA GLY A 165 14.85 -6.40 20.44
C GLY A 165 14.21 -6.58 19.08
N ASN A 166 13.32 -7.54 18.94
CA ASN A 166 12.61 -7.76 17.70
C ASN A 166 11.50 -6.71 17.62
N PHE A 167 11.61 -5.78 16.67
CA PHE A 167 10.63 -4.70 16.54
C PHE A 167 9.24 -5.18 16.18
N HIS A 168 9.14 -6.43 15.77
CA HIS A 168 7.85 -7.04 15.41
C HIS A 168 6.86 -6.98 16.57
N TYR A 169 7.37 -6.83 17.78
CA TYR A 169 6.52 -6.80 18.97
C TYR A 169 5.85 -5.47 19.26
N ASN A 170 6.24 -4.43 18.51
CA ASN A 170 5.64 -3.12 18.67
C ASN A 170 4.20 -3.26 18.19
N PRO A 171 3.22 -3.14 19.11
CA PRO A 171 1.80 -3.27 18.75
C PRO A 171 1.25 -2.36 17.63
N ALA A 172 1.73 -1.13 17.56
CA ALA A 172 1.25 -0.22 16.53
C ALA A 172 1.89 -0.67 15.20
N HIS A 173 3.07 -1.28 15.30
CA HIS A 173 3.78 -1.78 14.14
C HIS A 173 3.00 -2.96 13.58
N MET A 174 2.40 -3.76 14.47
CA MET A 174 1.62 -4.91 14.03
C MET A 174 0.39 -4.48 13.25
N ILE A 175 -0.28 -3.46 13.75
CA ILE A 175 -1.47 -2.93 13.13
C ILE A 175 -1.12 -2.28 11.78
N ALA A 176 -0.08 -1.45 11.75
CA ALA A 176 0.34 -0.81 10.51
C ALA A 176 0.53 -1.88 9.43
N ILE A 177 1.26 -2.93 9.79
CA ILE A 177 1.53 -4.02 8.86
C ILE A 177 0.26 -4.66 8.34
N SER A 178 -0.67 -5.01 9.22
CA SER A 178 -1.89 -5.64 8.74
C SER A 178 -2.60 -4.74 7.74
N PHE A 179 -2.45 -3.42 7.89
CA PHE A 179 -3.08 -2.48 6.98
C PHE A 179 -2.37 -2.49 5.62
N PHE A 180 -1.04 -2.53 5.64
CA PHE A 180 -0.27 -2.55 4.41
C PHE A 180 -0.61 -3.79 3.59
N PHE A 181 -0.74 -4.93 4.28
CA PHE A 181 -1.05 -6.20 3.62
C PHE A 181 -2.49 -6.21 3.11
N THR A 182 -3.40 -5.71 3.92
CA THR A 182 -4.80 -5.69 3.53
C THR A 182 -5.01 -4.72 2.39
N ASN A 183 -4.18 -3.69 2.35
CA ASN A 183 -4.27 -2.72 1.26
C ASN A 183 -3.91 -3.40 -0.06
N ALA A 184 -2.75 -4.03 -0.08
CA ALA A 184 -2.23 -4.72 -1.27
C ALA A 184 -3.16 -5.79 -1.79
N LEU A 185 -3.83 -6.47 -0.87
CA LEU A 185 -4.78 -7.51 -1.22
C LEU A 185 -5.98 -6.85 -1.87
N ALA A 186 -6.43 -5.75 -1.26
CA ALA A 186 -7.56 -5.00 -1.78
C ALA A 186 -7.24 -4.48 -3.19
N LEU A 187 -6.08 -3.85 -3.33
CA LEU A 187 -5.67 -3.31 -4.63
C LEU A 187 -5.68 -4.42 -5.67
N ALA A 188 -5.17 -5.59 -5.33
CA ALA A 188 -5.15 -6.68 -6.29
C ALA A 188 -6.57 -7.02 -6.71
N LEU A 189 -7.43 -7.29 -5.74
CA LEU A 189 -8.81 -7.62 -6.04
C LEU A 189 -9.51 -6.54 -6.88
N HIS A 190 -9.44 -5.29 -6.46
CA HIS A 190 -10.09 -4.23 -7.24
C HIS A 190 -9.58 -4.26 -8.68
N GLY A 191 -8.27 -4.17 -8.86
CA GLY A 191 -7.73 -4.20 -10.21
C GLY A 191 -8.28 -5.38 -10.99
N ALA A 192 -8.30 -6.57 -10.39
CA ALA A 192 -8.77 -7.76 -11.07
C ALA A 192 -10.27 -7.78 -11.35
N LEU A 193 -11.05 -7.10 -10.52
CA LEU A 193 -12.49 -7.08 -10.70
C LEU A 193 -12.92 -6.25 -11.88
N VAL A 194 -12.35 -5.07 -12.00
CA VAL A 194 -12.69 -4.19 -13.10
C VAL A 194 -12.26 -4.85 -14.42
N LEU A 195 -11.03 -5.35 -14.46
CA LEU A 195 -10.50 -6.00 -15.66
C LEU A 195 -11.28 -7.25 -16.10
N SER A 196 -11.65 -8.10 -15.15
CA SER A 196 -12.38 -9.31 -15.52
C SER A 196 -13.77 -9.02 -16.06
N ALA A 197 -14.26 -7.80 -15.81
CA ALA A 197 -15.57 -7.40 -16.28
C ALA A 197 -15.48 -6.68 -17.63
N ALA A 198 -14.45 -5.85 -17.79
CA ALA A 198 -14.25 -5.10 -19.03
C ALA A 198 -13.70 -6.03 -20.11
N ASN A 199 -13.05 -7.11 -19.69
CA ASN A 199 -12.47 -8.10 -20.61
C ASN A 199 -12.95 -9.51 -20.27
N PRO A 200 -14.23 -9.82 -20.53
CA PRO A 200 -14.85 -11.11 -20.25
C PRO A 200 -14.37 -12.24 -21.15
N GLU A 201 -15.00 -13.41 -21.04
CA GLU A 201 -14.64 -14.55 -21.87
C GLU A 201 -14.89 -14.11 -23.31
N LYS A 202 -13.96 -14.39 -24.21
CA LYS A 202 -14.11 -13.98 -25.60
C LYS A 202 -15.49 -14.24 -26.17
N GLY A 203 -16.00 -13.25 -26.91
CA GLY A 203 -17.31 -13.38 -27.52
C GLY A 203 -18.44 -12.78 -26.70
N LYS A 204 -18.23 -12.63 -25.41
CA LYS A 204 -19.27 -12.08 -24.54
C LYS A 204 -19.24 -10.56 -24.44
N GLU A 205 -20.33 -10.02 -23.90
CA GLU A 205 -20.47 -8.58 -23.72
C GLU A 205 -19.78 -8.23 -22.42
N MET A 206 -19.40 -6.98 -22.26
CA MET A 206 -18.77 -6.55 -21.04
C MET A 206 -19.72 -6.89 -19.90
N ARG A 207 -19.19 -7.30 -18.76
CA ARG A 207 -20.05 -7.65 -17.63
C ARG A 207 -20.54 -6.39 -16.96
N THR A 208 -21.64 -6.49 -16.22
CA THR A 208 -22.23 -5.34 -15.55
C THR A 208 -21.66 -5.16 -14.15
N PRO A 209 -21.78 -3.94 -13.60
CA PRO A 209 -21.28 -3.69 -12.25
C PRO A 209 -21.96 -4.60 -11.24
N ASP A 210 -23.12 -5.12 -11.62
CA ASP A 210 -23.86 -6.03 -10.75
C ASP A 210 -23.17 -7.37 -10.76
N HIS A 211 -22.60 -7.75 -11.90
CA HIS A 211 -21.87 -9.01 -12.00
C HIS A 211 -20.66 -8.86 -11.07
N GLU A 212 -20.08 -7.66 -11.10
CA GLU A 212 -18.93 -7.30 -10.30
C GLU A 212 -19.28 -7.39 -8.82
N ASP A 213 -20.49 -6.93 -8.46
CA ASP A 213 -20.93 -7.00 -7.06
C ASP A 213 -21.15 -8.46 -6.70
N THR A 214 -21.85 -9.17 -7.56
CA THR A 214 -22.14 -10.58 -7.35
C THR A 214 -20.87 -11.35 -7.04
N PHE A 215 -19.82 -11.12 -7.82
CA PHE A 215 -18.55 -11.81 -7.62
C PHE A 215 -17.79 -11.38 -6.36
N PHE A 216 -17.88 -10.09 -6.04
CA PHE A 216 -17.18 -9.53 -4.88
C PHE A 216 -17.77 -10.03 -3.57
N ARG A 217 -19.09 -10.19 -3.54
CA ARG A 217 -19.75 -10.67 -2.34
C ARG A 217 -19.53 -12.16 -2.18
N ASP A 218 -19.34 -12.85 -3.30
CA ASP A 218 -19.09 -14.28 -3.27
C ASP A 218 -17.70 -14.59 -2.73
N LEU A 219 -16.87 -13.55 -2.63
CA LEU A 219 -15.51 -13.69 -2.15
C LEU A 219 -15.32 -13.22 -0.72
N VAL A 220 -15.88 -12.06 -0.39
CA VAL A 220 -15.74 -11.47 0.93
C VAL A 220 -16.95 -11.71 1.84
N GLY A 221 -18.13 -11.90 1.27
CA GLY A 221 -19.31 -12.13 2.07
C GLY A 221 -20.27 -10.95 2.05
N TYR A 222 -19.73 -9.77 1.80
CA TYR A 222 -20.54 -8.56 1.75
C TYR A 222 -20.22 -7.81 0.46
N SER A 223 -21.20 -7.02 -0.01
CA SER A 223 -21.01 -6.22 -1.21
C SER A 223 -20.63 -4.85 -0.66
N ILE A 224 -19.73 -4.14 -1.33
CA ILE A 224 -19.31 -2.84 -0.83
C ILE A 224 -19.62 -1.70 -1.80
N GLY A 225 -19.76 -2.03 -3.09
CA GLY A 225 -20.07 -1.02 -4.08
C GLY A 225 -18.84 -0.30 -4.59
N THR A 226 -18.96 0.32 -5.76
CA THR A 226 -17.84 1.05 -6.37
C THR A 226 -17.33 2.21 -5.53
N LEU A 227 -18.22 3.01 -4.98
CA LEU A 227 -17.76 4.12 -4.17
C LEU A 227 -17.10 3.62 -2.88
N GLY A 228 -17.70 2.59 -2.28
CA GLY A 228 -17.15 2.03 -1.05
C GLY A 228 -15.78 1.39 -1.19
N ILE A 229 -15.49 0.76 -2.33
CA ILE A 229 -14.21 0.11 -2.53
C ILE A 229 -13.05 1.09 -2.69
N HIS A 230 -13.30 2.25 -3.30
CA HIS A 230 -12.22 3.25 -3.46
C HIS A 230 -12.00 3.99 -2.15
N ARG A 231 -13.04 4.04 -1.33
CA ARG A 231 -12.94 4.70 -0.04
C ARG A 231 -12.14 3.79 0.89
N LEU A 232 -12.41 2.48 0.78
CA LEU A 232 -11.70 1.50 1.58
C LEU A 232 -10.20 1.50 1.27
N GLY A 233 -9.87 1.54 -0.02
CA GLY A 233 -8.48 1.57 -0.44
C GLY A 233 -7.71 2.75 0.10
N LEU A 234 -8.31 3.94 0.00
CA LEU A 234 -7.69 5.15 0.51
C LEU A 234 -7.59 5.07 2.04
N LEU A 235 -8.64 4.52 2.66
CA LEU A 235 -8.69 4.35 4.12
C LEU A 235 -7.58 3.40 4.59
N LEU A 236 -7.50 2.22 3.97
CA LEU A 236 -6.49 1.24 4.33
C LEU A 236 -5.11 1.82 4.21
N SER A 237 -4.85 2.43 3.05
CA SER A 237 -3.56 3.03 2.74
C SER A 237 -3.15 4.13 3.73
N LEU A 238 -4.06 5.05 4.03
CA LEU A 238 -3.75 6.12 4.99
C LEU A 238 -3.56 5.60 6.44
N SER A 239 -4.39 4.63 6.84
CA SER A 239 -4.28 4.09 8.19
C SER A 239 -2.94 3.40 8.40
N ALA A 240 -2.45 2.74 7.35
CA ALA A 240 -1.16 2.05 7.42
C ALA A 240 -0.09 3.06 7.80
N VAL A 241 -0.05 4.17 7.08
CA VAL A 241 0.95 5.19 7.34
C VAL A 241 0.69 5.91 8.67
N PHE A 242 -0.58 5.99 9.07
CA PHE A 242 -0.92 6.62 10.35
C PHE A 242 -0.32 5.80 11.50
N PHE A 243 -0.57 4.50 11.49
CA PHE A 243 -0.06 3.66 12.56
C PHE A 243 1.45 3.46 12.52
N SER A 244 2.07 3.66 11.35
CA SER A 244 3.51 3.53 11.22
C SER A 244 4.09 4.70 11.97
N ALA A 245 3.58 5.89 11.66
CA ALA A 245 4.04 7.10 12.30
C ALA A 245 3.87 6.93 13.81
N LEU A 246 2.72 6.40 14.20
CA LEU A 246 2.42 6.17 15.61
C LEU A 246 3.42 5.20 16.25
N CYS A 247 3.73 4.08 15.58
CA CYS A 247 4.66 3.11 16.18
C CYS A 247 6.05 3.67 16.43
N MET A 248 6.42 4.74 15.71
CA MET A 248 7.75 5.33 15.87
C MET A 248 7.81 6.54 16.78
N ILE A 249 6.77 7.34 16.79
CA ILE A 249 6.74 8.51 17.65
C ILE A 249 6.75 8.08 19.12
N ILE A 250 6.35 6.83 19.39
CA ILE A 250 6.31 6.30 20.76
C ILE A 250 7.57 5.52 21.16
N THR A 251 8.31 5.03 20.18
CA THR A 251 9.51 4.25 20.44
C THR A 251 10.72 5.11 20.83
N GLY A 252 11.15 5.00 22.08
CA GLY A 252 12.29 5.80 22.53
C GLY A 252 11.85 7.15 23.06
N THR A 253 10.56 7.32 23.25
CA THR A 253 10.00 8.56 23.76
C THR A 253 9.17 8.24 25.01
N ILE A 254 8.40 7.15 24.95
CA ILE A 254 7.60 6.74 26.09
C ILE A 254 7.79 5.24 26.35
N TRP A 255 8.46 4.58 25.41
CA TRP A 255 8.78 3.16 25.56
C TRP A 255 10.28 3.04 25.27
N PHE A 256 11.03 2.45 26.21
CA PHE A 256 12.48 2.34 26.08
C PHE A 256 13.07 0.92 26.10
N ASP A 257 12.30 -0.05 26.55
CA ASP A 257 12.81 -1.41 26.64
C ASP A 257 12.50 -2.22 25.39
N GLN A 258 12.85 -3.50 25.39
CA GLN A 258 12.58 -4.33 24.24
C GLN A 258 11.06 -4.45 24.14
N TRP A 259 10.53 -4.16 22.95
CA TRP A 259 9.09 -4.20 22.76
C TRP A 259 8.35 -5.43 23.26
N VAL A 260 9.02 -6.58 23.27
CA VAL A 260 8.36 -7.78 23.73
C VAL A 260 7.97 -7.73 25.20
N ASP A 261 8.72 -6.95 25.99
CA ASP A 261 8.40 -6.84 27.41
C ASP A 261 7.03 -6.22 27.61
N TRP A 262 6.63 -5.38 26.67
CA TRP A 262 5.34 -4.68 26.73
C TRP A 262 4.14 -5.62 26.88
N TRP A 263 4.22 -6.81 26.30
CA TRP A 263 3.11 -7.74 26.37
C TRP A 263 2.92 -8.38 27.73
N GLN A 264 3.63 -7.88 28.73
CA GLN A 264 3.52 -8.40 30.09
C GLN A 264 2.24 -7.92 30.75
N TRP A 265 1.78 -6.72 30.38
CA TRP A 265 0.57 -6.16 30.97
C TRP A 265 -0.62 -7.11 30.80
N TRP A 266 -0.52 -8.02 29.85
CA TRP A 266 -1.60 -8.96 29.58
C TRP A 266 -1.46 -10.31 30.27
N VAL A 267 -0.24 -10.79 30.41
CA VAL A 267 -0.01 -12.05 31.08
C VAL A 267 -0.15 -11.83 32.59
N LYS A 268 0.24 -10.64 33.03
CA LYS A 268 0.19 -10.24 34.43
C LYS A 268 -1.13 -9.66 34.88
N LEU A 269 -2.22 -10.02 34.21
CA LEU A 269 -3.53 -9.53 34.62
C LEU A 269 -3.95 -10.33 35.85
N PRO A 270 -4.52 -9.65 36.85
CA PRO A 270 -4.98 -10.23 38.12
C PRO A 270 -5.52 -11.66 38.11
N TRP A 271 -6.60 -11.89 37.36
CA TRP A 271 -7.26 -13.18 37.31
C TRP A 271 -6.55 -14.41 36.74
N TRP A 272 -5.46 -14.22 36.00
CA TRP A 272 -4.76 -15.39 35.45
C TRP A 272 -3.25 -15.31 35.52
N ALA A 273 -2.74 -14.20 36.03
CA ALA A 273 -1.30 -14.00 36.13
C ALA A 273 -0.57 -15.10 36.87
N ASN A 274 -1.19 -15.63 37.92
CA ASN A 274 -0.55 -16.66 38.72
C ASN A 274 -0.97 -18.12 38.51
N ILE A 275 -1.87 -18.36 37.55
CA ILE A 275 -2.31 -19.72 37.28
C ILE A 275 -1.19 -20.50 36.60
N PRO A 276 -0.79 -21.63 37.21
CA PRO A 276 0.26 -22.50 36.69
C PRO A 276 -0.12 -23.14 35.37
N GLY A 277 0.85 -23.40 34.52
CA GLY A 277 0.57 -24.01 33.24
C GLY A 277 0.81 -23.07 32.07
N GLY A 278 0.45 -23.52 30.87
CA GLY A 278 0.64 -22.68 29.70
C GLY A 278 2.09 -22.49 29.30
N ILE A 279 2.38 -21.35 28.69
CA ILE A 279 3.73 -21.04 28.24
C ILE A 279 4.40 -20.05 29.19
N ASN A 280 3.60 -19.21 29.84
CA ASN A 280 4.13 -18.21 30.75
C ASN A 280 3.92 -18.55 32.21
N GLY A 281 3.30 -19.69 32.45
CA GLY A 281 3.05 -20.12 33.82
C GLY A 281 4.27 -20.85 34.37
N PHE B 35 -23.16 -39.44 -9.51
CA PHE B 35 -23.80 -38.83 -10.69
C PHE B 35 -23.79 -37.29 -10.64
N SER B 36 -24.52 -36.68 -11.58
CA SER B 36 -24.60 -35.23 -11.69
C SER B 36 -25.50 -34.59 -10.64
N THR B 37 -26.51 -35.34 -10.20
CA THR B 37 -27.46 -34.82 -9.22
C THR B 37 -26.76 -34.42 -7.92
N LEU B 38 -25.73 -35.18 -7.53
CA LEU B 38 -25.01 -34.87 -6.31
C LEU B 38 -24.23 -33.55 -6.48
N LEU B 39 -23.52 -33.42 -7.60
CA LEU B 39 -22.76 -32.22 -7.90
C LEU B 39 -23.71 -31.03 -7.95
N GLY B 40 -24.82 -31.23 -8.67
CA GLY B 40 -25.81 -30.19 -8.79
C GLY B 40 -26.30 -29.79 -7.42
N TRP B 41 -26.50 -30.79 -6.56
CA TRP B 41 -26.97 -30.55 -5.20
C TRP B 41 -25.98 -29.66 -4.47
N PHE B 42 -24.70 -30.02 -4.54
CA PHE B 42 -23.65 -29.22 -3.89
C PHE B 42 -23.48 -27.88 -4.59
N GLY B 43 -23.63 -27.87 -5.92
CA GLY B 43 -23.49 -26.65 -6.68
C GLY B 43 -24.45 -25.56 -6.28
N ASN B 44 -25.53 -25.96 -5.61
CA ASN B 44 -26.53 -25.01 -5.14
C ASN B 44 -26.38 -24.68 -3.66
N ALA B 45 -25.25 -25.08 -3.08
CA ALA B 45 -24.98 -24.80 -1.67
C ALA B 45 -24.86 -23.30 -1.49
N GLN B 46 -25.46 -22.78 -0.42
CA GLN B 46 -25.42 -21.34 -0.14
C GLN B 46 -25.31 -20.96 1.33
N LEU B 47 -25.07 -19.68 1.55
CA LEU B 47 -24.98 -19.08 2.87
C LEU B 47 -25.65 -17.73 2.67
N GLY B 48 -26.98 -17.74 2.75
CA GLY B 48 -27.72 -16.51 2.52
C GLY B 48 -27.88 -16.36 1.02
N PRO B 49 -27.65 -15.17 0.47
CA PRO B 49 -27.79 -14.98 -0.99
C PRO B 49 -26.54 -15.39 -1.77
N ILE B 50 -25.44 -15.67 -1.07
CA ILE B 50 -24.19 -16.05 -1.73
C ILE B 50 -24.05 -17.57 -1.99
N TYR B 51 -23.71 -17.92 -3.23
CA TYR B 51 -23.54 -19.33 -3.60
C TYR B 51 -22.16 -19.82 -3.19
N LEU B 52 -22.11 -21.05 -2.67
CA LEU B 52 -20.86 -21.63 -2.22
C LEU B 52 -20.32 -22.66 -3.21
N GLY B 53 -21.21 -23.46 -3.77
CA GLY B 53 -20.79 -24.46 -4.74
C GLY B 53 -19.96 -25.59 -4.16
N SER B 54 -19.61 -26.55 -5.00
CA SER B 54 -18.82 -27.71 -4.58
C SER B 54 -17.47 -27.31 -3.98
N LEU B 55 -16.64 -26.59 -4.74
CA LEU B 55 -15.34 -26.18 -4.25
C LEU B 55 -15.42 -25.37 -2.96
N GLY B 56 -16.52 -24.67 -2.76
CA GLY B 56 -16.68 -23.87 -1.55
C GLY B 56 -16.94 -24.72 -0.32
N VAL B 57 -17.71 -25.80 -0.48
CA VAL B 57 -18.01 -26.69 0.63
C VAL B 57 -16.75 -27.45 1.03
N LEU B 58 -15.98 -27.90 0.04
CA LEU B 58 -14.75 -28.62 0.30
C LEU B 58 -13.73 -27.72 0.98
N SER B 59 -13.77 -26.43 0.63
CA SER B 59 -12.85 -25.46 1.19
C SER B 59 -13.17 -25.11 2.64
N LEU B 60 -14.44 -24.83 2.93
CA LEU B 60 -14.82 -24.49 4.29
C LEU B 60 -14.64 -25.68 5.22
N PHE B 61 -14.92 -26.88 4.70
CA PHE B 61 -14.76 -28.08 5.49
C PHE B 61 -13.28 -28.28 5.78
N SER B 62 -12.47 -28.16 4.74
CA SER B 62 -11.04 -28.32 4.86
C SER B 62 -10.45 -27.23 5.75
N GLY B 63 -11.07 -26.05 5.72
CA GLY B 63 -10.61 -24.95 6.53
C GLY B 63 -10.88 -25.13 8.00
N LEU B 64 -11.94 -25.87 8.33
CA LEU B 64 -12.31 -26.15 9.71
C LEU B 64 -11.34 -27.14 10.34
N MET B 65 -11.08 -28.23 9.64
CA MET B 65 -10.17 -29.25 10.14
C MET B 65 -8.80 -28.64 10.48
N TRP B 66 -8.42 -27.63 9.72
CA TRP B 66 -7.16 -26.94 9.92
C TRP B 66 -7.22 -26.17 11.25
N PHE B 67 -8.28 -25.41 11.42
CA PHE B 67 -8.50 -24.61 12.62
C PHE B 67 -8.73 -25.51 13.83
N PHE B 68 -9.22 -26.73 13.57
CA PHE B 68 -9.50 -27.71 14.62
C PHE B 68 -8.21 -28.37 15.07
N THR B 69 -7.29 -28.55 14.13
CA THR B 69 -6.01 -29.18 14.44
C THR B 69 -5.13 -28.24 15.25
N ILE B 70 -5.24 -26.94 14.99
CA ILE B 70 -4.45 -25.95 15.69
C ILE B 70 -5.04 -25.62 17.06
N GLY B 71 -6.37 -25.64 17.14
CA GLY B 71 -7.03 -25.37 18.40
C GLY B 71 -6.82 -26.52 19.37
N ILE B 72 -6.89 -27.75 18.83
CA ILE B 72 -6.71 -28.94 19.63
C ILE B 72 -5.30 -28.98 20.25
N TRP B 73 -4.31 -28.54 19.47
CA TRP B 73 -2.94 -28.52 19.98
C TRP B 73 -2.75 -27.37 20.95
N PHE B 74 -3.45 -26.27 20.71
CA PHE B 74 -3.34 -25.09 21.58
C PHE B 74 -4.00 -25.35 22.93
N TRP B 75 -5.16 -26.00 22.93
CA TRP B 75 -5.84 -26.31 24.18
C TRP B 75 -4.96 -27.24 25.01
N TYR B 76 -4.34 -28.20 24.33
CA TYR B 76 -3.44 -29.14 24.99
C TYR B 76 -2.32 -28.35 25.67
N GLN B 77 -1.62 -27.51 24.90
CA GLN B 77 -0.53 -26.70 25.46
C GLN B 77 -1.02 -25.87 26.65
N ALA B 78 -2.31 -25.55 26.65
CA ALA B 78 -2.88 -24.74 27.73
C ALA B 78 -3.36 -25.62 28.89
N GLY B 79 -3.10 -26.92 28.80
CA GLY B 79 -3.51 -27.83 29.84
C GLY B 79 -5.02 -27.87 29.97
N TRP B 80 -5.71 -27.62 28.85
CA TRP B 80 -7.16 -27.63 28.82
C TRP B 80 -7.77 -26.59 29.78
N ASN B 81 -6.96 -25.61 30.15
CA ASN B 81 -7.39 -24.55 31.06
C ASN B 81 -7.70 -23.25 30.30
N PRO B 82 -9.01 -22.94 30.12
CA PRO B 82 -9.49 -21.75 29.41
C PRO B 82 -8.91 -20.40 29.85
N ALA B 83 -8.53 -20.27 31.12
CA ALA B 83 -7.97 -19.00 31.59
C ALA B 83 -6.55 -18.90 31.04
N VAL B 84 -5.86 -20.03 30.98
CA VAL B 84 -4.50 -20.11 30.48
C VAL B 84 -4.53 -19.96 28.96
N PHE B 85 -5.56 -20.53 28.35
CA PHE B 85 -5.72 -20.48 26.91
C PHE B 85 -5.82 -19.03 26.42
N LEU B 86 -6.48 -18.18 27.20
CA LEU B 86 -6.65 -16.78 26.82
C LEU B 86 -5.46 -15.90 27.14
N ARG B 87 -4.75 -16.17 28.24
CA ARG B 87 -3.62 -15.33 28.56
C ARG B 87 -2.39 -15.65 27.71
N ASP B 88 -2.27 -16.90 27.26
CA ASP B 88 -1.12 -17.32 26.47
C ASP B 88 -1.45 -17.58 25.00
N LEU B 89 -2.66 -17.22 24.58
CA LEU B 89 -3.11 -17.44 23.21
C LEU B 89 -2.05 -17.12 22.15
N PHE B 90 -1.43 -15.95 22.26
CA PHE B 90 -0.42 -15.54 21.29
C PHE B 90 0.91 -16.28 21.41
N PHE B 91 1.15 -16.95 22.54
CA PHE B 91 2.40 -17.66 22.75
C PHE B 91 2.38 -19.14 22.35
N PHE B 92 1.23 -19.66 21.97
CA PHE B 92 1.14 -21.06 21.56
C PHE B 92 1.69 -21.25 20.15
N SER B 93 2.25 -22.43 19.88
CA SER B 93 2.83 -22.69 18.57
C SER B 93 2.89 -24.16 18.20
N LEU B 94 2.39 -24.47 17.01
CA LEU B 94 2.39 -25.83 16.49
C LEU B 94 3.61 -25.90 15.58
N GLU B 95 4.73 -26.34 16.15
CA GLU B 95 6.01 -26.44 15.44
C GLU B 95 6.10 -27.62 14.46
N PRO B 96 6.94 -27.48 13.43
CA PRO B 96 7.16 -28.51 12.40
C PRO B 96 8.10 -29.62 12.88
N PRO B 97 8.15 -30.74 12.16
CA PRO B 97 9.03 -31.86 12.54
C PRO B 97 10.49 -31.39 12.69
N ALA B 98 11.24 -32.05 13.57
CA ALA B 98 12.64 -31.71 13.78
C ALA B 98 13.41 -32.08 12.53
N PRO B 99 14.52 -31.39 12.25
CA PRO B 99 15.34 -31.63 11.05
C PRO B 99 15.79 -33.08 10.87
N GLU B 100 15.95 -33.79 11.98
CA GLU B 100 16.37 -35.19 11.93
C GLU B 100 15.32 -36.05 11.21
N TYR B 101 14.15 -35.49 10.94
CA TYR B 101 13.08 -36.21 10.26
C TYR B 101 13.01 -35.92 8.76
N GLY B 102 13.90 -35.05 8.28
CA GLY B 102 13.91 -34.72 6.86
C GLY B 102 12.55 -34.37 6.30
N LEU B 103 12.18 -35.01 5.21
CA LEU B 103 10.89 -34.77 4.58
C LEU B 103 9.96 -35.96 4.80
N SER B 104 10.28 -36.77 5.81
CA SER B 104 9.47 -37.95 6.11
C SER B 104 8.23 -37.57 6.90
N PHE B 105 7.32 -38.53 7.01
CA PHE B 105 6.06 -38.35 7.74
C PHE B 105 6.10 -39.26 8.97
N ALA B 106 7.30 -39.44 9.52
CA ALA B 106 7.50 -40.31 10.67
C ALA B 106 7.23 -39.67 12.02
N ALA B 107 7.63 -38.40 12.18
CA ALA B 107 7.45 -37.69 13.44
C ALA B 107 6.11 -37.97 14.11
N PRO B 108 6.11 -38.17 15.44
CA PRO B 108 4.87 -38.43 16.17
C PRO B 108 4.00 -37.18 16.28
N LEU B 109 2.70 -37.37 16.45
CA LEU B 109 1.77 -36.25 16.54
C LEU B 109 2.28 -35.03 17.28
N LYS B 110 2.76 -35.21 18.51
CA LYS B 110 3.25 -34.09 19.31
C LYS B 110 4.65 -33.61 18.95
N GLU B 111 5.23 -34.13 17.88
CA GLU B 111 6.57 -33.74 17.48
C GLU B 111 6.69 -33.40 16.01
N GLY B 112 5.57 -33.00 15.40
CA GLY B 112 5.58 -32.66 13.99
C GLY B 112 4.45 -33.31 13.24
N GLY B 113 3.79 -34.27 13.89
CA GLY B 113 2.67 -34.96 13.28
C GLY B 113 1.52 -34.00 13.04
N LEU B 114 1.08 -33.33 14.10
CA LEU B 114 -0.01 -32.37 13.99
C LEU B 114 0.27 -31.32 12.91
N TRP B 115 1.45 -30.70 12.97
CA TRP B 115 1.84 -29.68 12.01
C TRP B 115 1.61 -30.17 10.58
N LEU B 116 2.05 -31.38 10.27
CA LEU B 116 1.89 -31.95 8.94
C LEU B 116 0.42 -32.09 8.54
N ILE B 117 -0.41 -32.49 9.50
CA ILE B 117 -1.83 -32.65 9.25
C ILE B 117 -2.45 -31.28 8.96
N ALA B 118 -2.09 -30.29 9.77
CA ALA B 118 -2.62 -28.94 9.61
C ALA B 118 -2.22 -28.36 8.25
N SER B 119 -1.01 -28.67 7.79
CA SER B 119 -0.54 -28.16 6.51
C SER B 119 -1.31 -28.81 5.37
N PHE B 120 -1.62 -30.08 5.53
CA PHE B 120 -2.37 -30.80 4.51
C PHE B 120 -3.71 -30.11 4.31
N PHE B 121 -4.47 -30.02 5.39
CA PHE B 121 -5.77 -29.40 5.34
C PHE B 121 -5.73 -27.98 4.79
N MET B 122 -4.75 -27.19 5.22
CA MET B 122 -4.65 -25.82 4.72
C MET B 122 -4.36 -25.81 3.21
N PHE B 123 -3.50 -26.73 2.77
CA PHE B 123 -3.15 -26.83 1.37
C PHE B 123 -4.42 -26.99 0.53
N VAL B 124 -5.31 -27.87 0.99
CA VAL B 124 -6.57 -28.15 0.29
C VAL B 124 -7.58 -27.01 0.37
N ALA B 125 -7.63 -26.35 1.52
CA ALA B 125 -8.56 -25.25 1.70
C ALA B 125 -8.23 -24.15 0.70
N VAL B 126 -6.97 -23.72 0.69
CA VAL B 126 -6.52 -22.66 -0.21
C VAL B 126 -6.74 -23.03 -1.68
N TRP B 127 -6.21 -24.18 -2.10
CA TRP B 127 -6.36 -24.61 -3.47
C TRP B 127 -7.81 -24.81 -3.91
N SER B 128 -8.66 -25.27 -3.00
CA SER B 128 -10.06 -25.45 -3.32
C SER B 128 -10.66 -24.07 -3.57
N TRP B 129 -10.31 -23.12 -2.70
CA TRP B 129 -10.82 -21.76 -2.82
C TRP B 129 -10.31 -21.11 -4.10
N TRP B 130 -9.10 -21.46 -4.50
CA TRP B 130 -8.57 -20.89 -5.73
C TRP B 130 -9.43 -21.41 -6.87
N GLY B 131 -9.68 -22.72 -6.88
CA GLY B 131 -10.49 -23.32 -7.91
C GLY B 131 -11.89 -22.73 -7.92
N ARG B 132 -12.44 -22.47 -6.74
CA ARG B 132 -13.77 -21.89 -6.64
C ARG B 132 -13.81 -20.53 -7.32
N THR B 133 -12.74 -19.76 -7.16
CA THR B 133 -12.66 -18.44 -7.75
C THR B 133 -12.54 -18.49 -9.27
N TYR B 134 -11.94 -19.57 -9.78
CA TYR B 134 -11.78 -19.74 -11.22
C TYR B 134 -13.09 -20.17 -11.89
N LEU B 135 -13.80 -21.09 -11.27
CA LEU B 135 -15.05 -21.57 -11.85
C LEU B 135 -16.16 -20.56 -11.70
N ARG B 136 -16.14 -19.79 -10.62
CA ARG B 136 -17.16 -18.78 -10.40
C ARG B 136 -17.03 -17.66 -11.44
N ALA B 137 -15.80 -17.28 -11.76
CA ALA B 137 -15.59 -16.24 -12.78
C ALA B 137 -16.10 -16.79 -14.11
N GLN B 138 -15.80 -18.06 -14.36
CA GLN B 138 -16.21 -18.74 -15.58
C GLN B 138 -17.74 -18.81 -15.67
N ALA B 139 -18.38 -19.06 -14.53
CA ALA B 139 -19.83 -19.15 -14.46
C ALA B 139 -20.50 -17.82 -14.78
N LEU B 140 -19.91 -16.72 -14.30
CA LEU B 140 -20.46 -15.41 -14.55
C LEU B 140 -19.95 -14.85 -15.88
N GLY B 141 -19.16 -15.66 -16.60
CA GLY B 141 -18.61 -15.25 -17.89
C GLY B 141 -17.65 -14.08 -17.85
N MET B 142 -16.73 -14.09 -16.89
CA MET B 142 -15.78 -13.00 -16.77
C MET B 142 -14.35 -13.50 -16.99
N GLY B 143 -13.42 -12.56 -17.10
CA GLY B 143 -12.03 -12.91 -17.26
C GLY B 143 -11.53 -13.62 -16.00
N LYS B 144 -10.39 -14.27 -16.10
CA LYS B 144 -9.82 -15.00 -14.97
C LYS B 144 -8.81 -14.20 -14.15
N HIS B 145 -8.81 -12.88 -14.35
CA HIS B 145 -7.90 -11.98 -13.67
C HIS B 145 -7.79 -12.19 -12.17
N THR B 146 -8.92 -12.44 -11.52
CA THR B 146 -8.92 -12.66 -10.07
C THR B 146 -8.15 -13.93 -9.72
N ALA B 147 -8.39 -15.02 -10.45
CA ALA B 147 -7.68 -16.28 -10.20
C ALA B 147 -6.16 -16.06 -10.33
N TRP B 148 -5.74 -15.41 -11.41
CA TRP B 148 -4.32 -15.12 -11.65
C TRP B 148 -3.70 -14.31 -10.52
N ALA B 149 -4.36 -13.24 -10.10
CA ALA B 149 -3.84 -12.41 -9.01
C ALA B 149 -3.75 -13.22 -7.71
N PHE B 150 -4.77 -14.04 -7.43
CA PHE B 150 -4.78 -14.86 -6.23
C PHE B 150 -3.59 -15.79 -6.29
N LEU B 151 -3.37 -16.37 -7.47
CA LEU B 151 -2.28 -17.31 -7.68
C LEU B 151 -0.93 -16.73 -7.30
N SER B 152 -0.79 -15.41 -7.43
CA SER B 152 0.47 -14.79 -7.07
C SER B 152 0.64 -14.81 -5.55
N ALA B 153 -0.47 -14.64 -4.82
CA ALA B 153 -0.39 -14.66 -3.37
C ALA B 153 -0.04 -16.09 -2.96
N ILE B 154 -0.73 -17.05 -3.55
CA ILE B 154 -0.48 -18.45 -3.24
C ILE B 154 0.98 -18.80 -3.48
N TRP B 155 1.58 -18.19 -4.49
CA TRP B 155 2.98 -18.43 -4.83
C TRP B 155 3.92 -18.21 -3.63
N LEU B 156 3.83 -17.08 -2.96
CA LEU B 156 4.69 -16.81 -1.79
C LEU B 156 4.40 -17.82 -0.67
N TRP B 157 3.11 -18.08 -0.45
CA TRP B 157 2.71 -19.03 0.59
C TRP B 157 3.31 -20.40 0.30
N MET B 158 3.24 -20.82 -0.96
CA MET B 158 3.75 -22.11 -1.39
C MET B 158 5.26 -22.23 -1.21
N VAL B 159 5.97 -21.13 -1.38
CA VAL B 159 7.41 -21.13 -1.22
C VAL B 159 7.79 -21.22 0.27
N LEU B 160 7.10 -20.48 1.12
CA LEU B 160 7.41 -20.51 2.54
C LEU B 160 7.17 -21.88 3.21
N GLY B 161 6.00 -22.47 2.98
CA GLY B 161 5.68 -23.73 3.62
C GLY B 161 5.83 -25.06 2.87
N PHE B 162 6.01 -25.02 1.56
CA PHE B 162 6.13 -26.26 0.82
C PHE B 162 7.34 -26.36 -0.09
N ILE B 163 7.41 -25.50 -1.11
CA ILE B 163 8.51 -25.53 -2.06
C ILE B 163 9.91 -25.40 -1.46
N ARG B 164 10.15 -24.35 -0.68
CA ARG B 164 11.49 -24.16 -0.11
C ARG B 164 11.94 -25.25 0.86
N PRO B 165 11.06 -25.70 1.77
CA PRO B 165 11.45 -26.75 2.72
C PRO B 165 11.87 -28.04 1.98
N ILE B 166 11.15 -28.34 0.91
CA ILE B 166 11.45 -29.52 0.11
C ILE B 166 12.80 -29.41 -0.58
N LEU B 167 13.15 -28.21 -1.04
CA LEU B 167 14.45 -28.00 -1.69
C LEU B 167 15.58 -27.99 -0.67
N MET B 168 15.25 -27.67 0.58
CA MET B 168 16.27 -27.65 1.63
C MET B 168 16.42 -29.04 2.22
N GLY B 169 15.41 -29.88 2.00
CA GLY B 169 15.46 -31.24 2.49
C GLY B 169 14.78 -31.57 3.82
N SER B 170 14.12 -30.59 4.45
CA SER B 170 13.44 -30.90 5.71
C SER B 170 12.28 -29.98 6.03
N TRP B 171 11.27 -30.55 6.70
CA TRP B 171 10.09 -29.80 7.09
C TRP B 171 10.45 -28.76 8.14
N SER B 172 11.50 -29.03 8.90
CA SER B 172 11.96 -28.13 9.95
C SER B 172 12.21 -26.71 9.45
N GLU B 173 12.40 -26.57 8.13
CA GLU B 173 12.65 -25.28 7.49
C GLU B 173 11.36 -24.44 7.31
N ALA B 174 10.21 -25.09 7.40
CA ALA B 174 8.91 -24.42 7.23
C ALA B 174 8.55 -23.49 8.39
N VAL B 175 7.43 -22.76 8.24
CA VAL B 175 6.97 -21.80 9.24
C VAL B 175 5.97 -22.37 10.24
N PRO B 176 6.20 -22.08 11.54
CA PRO B 176 5.32 -22.56 12.61
C PRO B 176 3.98 -21.84 12.68
N TYR B 177 2.96 -22.55 13.19
CA TYR B 177 1.63 -21.97 13.33
C TYR B 177 1.48 -21.33 14.71
N GLY B 178 1.69 -20.02 14.77
CA GLY B 178 1.57 -19.29 16.02
C GLY B 178 1.66 -17.81 15.73
N ILE B 179 1.02 -17.00 16.56
CA ILE B 179 1.03 -15.56 16.37
C ILE B 179 2.44 -14.98 16.55
N PHE B 180 3.01 -15.11 17.74
CA PHE B 180 4.34 -14.60 17.99
C PHE B 180 5.45 -15.49 17.43
N SER B 181 5.20 -16.78 17.37
CA SER B 181 6.22 -17.69 16.87
C SER B 181 6.54 -17.52 15.37
N HIS B 182 5.55 -17.21 14.54
CA HIS B 182 5.86 -17.05 13.12
C HIS B 182 6.56 -15.71 12.89
N LEU B 183 6.49 -14.82 13.88
CA LEU B 183 7.18 -13.55 13.80
C LEU B 183 8.62 -13.82 14.20
N ASP B 184 8.81 -14.55 15.31
CA ASP B 184 10.15 -14.90 15.75
C ASP B 184 10.83 -15.64 14.59
N TRP B 185 10.05 -16.46 13.88
CA TRP B 185 10.58 -17.22 12.75
C TRP B 185 11.11 -16.31 11.66
N THR B 186 10.37 -15.24 11.40
CA THR B 186 10.70 -14.26 10.38
C THR B 186 11.96 -13.49 10.77
N ASN B 187 12.09 -13.17 12.04
CA ASN B 187 13.26 -12.43 12.50
C ASN B 187 14.53 -13.28 12.34
N ASN B 188 14.41 -14.54 12.73
CA ASN B 188 15.53 -15.47 12.67
C ASN B 188 15.97 -15.84 11.28
N PHE B 189 15.00 -15.93 10.36
CA PHE B 189 15.27 -16.29 8.97
C PHE B 189 16.17 -15.23 8.33
N SER B 190 15.90 -13.96 8.62
CA SER B 190 16.68 -12.86 8.09
C SER B 190 18.12 -12.85 8.61
N LEU B 191 18.29 -12.94 9.93
CA LEU B 191 19.60 -12.94 10.55
C LEU B 191 20.45 -14.11 10.04
N VAL B 192 19.84 -15.29 9.96
CA VAL B 192 20.53 -16.48 9.48
C VAL B 192 21.00 -16.35 8.03
N HIS B 193 20.30 -15.57 7.21
CA HIS B 193 20.68 -15.43 5.82
C HIS B 193 21.43 -14.17 5.46
N GLY B 194 22.03 -13.54 6.47
CA GLY B 194 22.82 -12.34 6.24
C GLY B 194 22.10 -11.02 6.11
N ASN B 195 20.91 -10.91 6.70
CA ASN B 195 20.13 -9.65 6.66
C ASN B 195 19.39 -9.51 5.33
N LEU B 196 18.10 -9.83 5.34
CA LEU B 196 17.30 -9.76 4.12
C LEU B 196 17.22 -8.39 3.47
N PHE B 197 17.67 -7.35 4.17
CA PHE B 197 17.64 -6.00 3.60
C PHE B 197 18.60 -5.93 2.41
N TYR B 198 19.48 -6.91 2.32
CA TYR B 198 20.47 -6.96 1.26
C TYR B 198 20.08 -7.93 0.16
N ASN B 199 18.88 -8.49 0.28
CA ASN B 199 18.36 -9.38 -0.72
C ASN B 199 17.60 -8.47 -1.69
N PRO B 200 18.09 -8.33 -2.93
CA PRO B 200 17.45 -7.46 -3.92
C PRO B 200 15.96 -7.75 -4.17
N PHE B 201 15.56 -9.01 -4.09
CA PHE B 201 14.16 -9.35 -4.29
C PHE B 201 13.28 -8.91 -3.11
N HIS B 202 13.88 -8.81 -1.93
CA HIS B 202 13.16 -8.38 -0.74
C HIS B 202 13.00 -6.87 -0.89
N GLY B 203 14.02 -6.26 -1.52
CA GLY B 203 14.01 -4.82 -1.77
C GLY B 203 13.00 -4.48 -2.84
N LEU B 204 12.85 -5.32 -3.85
CA LEU B 204 11.87 -5.05 -4.90
C LEU B 204 10.48 -5.26 -4.30
N SER B 205 10.33 -6.35 -3.54
CA SER B 205 9.07 -6.66 -2.90
C SER B 205 8.59 -5.48 -2.06
N ILE B 206 9.50 -4.85 -1.33
CA ILE B 206 9.13 -3.70 -0.49
C ILE B 206 8.68 -2.51 -1.34
N ALA B 207 9.47 -2.18 -2.36
CA ALA B 207 9.15 -1.06 -3.24
C ALA B 207 7.71 -1.23 -3.76
N PHE B 208 7.35 -2.46 -4.10
CA PHE B 208 6.00 -2.74 -4.58
C PHE B 208 4.96 -2.69 -3.47
N LEU B 209 5.34 -3.02 -2.24
CA LEU B 209 4.38 -2.97 -1.15
C LEU B 209 4.08 -1.49 -0.87
N TYR B 210 5.12 -0.68 -0.75
CA TYR B 210 4.92 0.75 -0.54
C TYR B 210 4.15 1.27 -1.75
N GLY B 211 4.57 0.81 -2.93
CA GLY B 211 3.94 1.21 -4.17
C GLY B 211 2.46 0.93 -4.21
N SER B 212 2.05 -0.19 -3.62
CA SER B 212 0.63 -0.56 -3.58
C SER B 212 -0.12 0.44 -2.73
N ALA B 213 0.51 0.90 -1.66
CA ALA B 213 -0.13 1.86 -0.78
C ALA B 213 -0.10 3.21 -1.46
N LEU B 214 1.04 3.57 -2.05
CA LEU B 214 1.14 4.82 -2.78
C LEU B 214 0.11 4.83 -3.91
N LEU B 215 -0.10 3.68 -4.56
CA LEU B 215 -1.04 3.57 -5.67
C LEU B 215 -2.53 3.48 -5.34
N PHE B 216 -2.89 2.92 -4.19
CA PHE B 216 -4.31 2.86 -3.86
C PHE B 216 -4.75 4.19 -3.25
N ALA B 217 -3.83 4.91 -2.62
CA ALA B 217 -4.14 6.22 -2.05
C ALA B 217 -4.47 7.16 -3.23
N MET B 218 -3.53 7.32 -4.16
CA MET B 218 -3.70 8.15 -5.38
C MET B 218 -5.00 7.78 -6.09
N HIS B 219 -5.16 6.50 -6.45
CA HIS B 219 -6.36 6.07 -7.16
C HIS B 219 -7.64 6.26 -6.35
N GLY B 220 -7.64 5.78 -5.10
CA GLY B 220 -8.83 5.94 -4.28
C GLY B 220 -9.19 7.41 -4.15
N ALA B 221 -8.16 8.24 -3.97
CA ALA B 221 -8.33 9.68 -3.86
C ALA B 221 -8.74 10.31 -5.20
N THR B 222 -8.23 9.76 -6.31
CA THR B 222 -8.59 10.32 -7.61
C THR B 222 -10.06 10.06 -7.91
N ILE B 223 -10.51 8.84 -7.65
CA ILE B 223 -11.90 8.50 -7.89
C ILE B 223 -12.86 9.24 -6.98
N LEU B 224 -12.43 9.55 -5.75
CA LEU B 224 -13.31 10.28 -4.84
C LEU B 224 -13.36 11.76 -5.24
N ALA B 225 -12.26 12.26 -5.78
CA ALA B 225 -12.19 13.65 -6.21
C ALA B 225 -13.10 13.92 -7.41
N VAL B 226 -13.39 12.90 -8.21
CA VAL B 226 -14.25 13.07 -9.37
C VAL B 226 -15.58 12.34 -9.23
N SER B 227 -15.91 11.90 -8.02
CA SER B 227 -17.18 11.21 -7.81
C SER B 227 -18.32 12.18 -8.09
N ARG B 228 -18.05 13.46 -7.92
CA ARG B 228 -19.06 14.47 -8.20
C ARG B 228 -19.44 14.43 -9.69
N PHE B 229 -18.70 13.64 -10.49
CA PHE B 229 -18.97 13.50 -11.92
C PHE B 229 -19.23 12.04 -12.26
N GLY B 230 -19.66 11.26 -11.26
CA GLY B 230 -19.91 9.85 -11.49
C GLY B 230 -18.66 9.02 -11.74
N GLY B 231 -17.51 9.56 -11.32
CA GLY B 231 -16.25 8.86 -11.51
C GLY B 231 -16.15 7.41 -11.05
N GLU B 232 -16.80 7.08 -9.92
CA GLU B 232 -16.75 5.72 -9.39
C GLU B 232 -17.39 4.67 -10.29
N ARG B 233 -18.15 5.11 -11.29
CA ARG B 233 -18.77 4.16 -12.22
C ARG B 233 -17.76 3.93 -13.33
N GLU B 234 -16.68 3.25 -12.96
CA GLU B 234 -15.57 2.95 -13.84
C GLU B 234 -15.88 2.13 -15.08
N LEU B 235 -16.78 1.15 -14.97
CA LEU B 235 -17.13 0.32 -16.12
C LEU B 235 -17.81 1.13 -17.23
N GLU B 236 -18.60 2.12 -16.82
CA GLU B 236 -19.31 2.99 -17.76
C GLU B 236 -18.38 4.05 -18.32
N GLN B 237 -17.39 4.46 -17.53
CA GLN B 237 -16.44 5.47 -17.98
C GLN B 237 -15.52 4.83 -19.01
N ILE B 238 -15.45 3.51 -19.00
CA ILE B 238 -14.61 2.78 -19.95
C ILE B 238 -15.38 2.62 -21.25
N ALA B 239 -16.64 2.21 -21.14
CA ALA B 239 -17.48 2.01 -22.31
C ALA B 239 -17.92 3.31 -22.95
N ASP B 240 -17.86 4.40 -22.19
CA ASP B 240 -18.29 5.70 -22.68
C ASP B 240 -17.69 6.86 -21.88
N ARG B 241 -16.40 7.08 -22.05
CA ARG B 241 -15.65 8.14 -21.38
C ARG B 241 -16.48 9.40 -21.09
N GLY B 242 -16.31 9.95 -19.88
CA GLY B 242 -17.02 11.15 -19.48
C GLY B 242 -16.06 12.22 -19.00
N THR B 243 -16.57 13.34 -18.49
CA THR B 243 -15.67 14.40 -18.02
C THR B 243 -14.90 13.97 -16.75
N ALA B 244 -15.46 13.03 -15.99
CA ALA B 244 -14.80 12.55 -14.79
C ALA B 244 -13.49 11.87 -15.13
N ALA B 245 -13.52 11.00 -16.14
CA ALA B 245 -12.31 10.31 -16.56
C ALA B 245 -11.30 11.26 -17.19
N GLU B 246 -11.78 12.29 -17.87
CA GLU B 246 -10.86 13.23 -18.51
C GLU B 246 -10.15 14.11 -17.50
N ARG B 247 -10.87 14.51 -16.47
CA ARG B 247 -10.28 15.37 -15.45
C ARG B 247 -9.28 14.59 -14.58
N ALA B 248 -9.51 13.29 -14.42
CA ALA B 248 -8.61 12.42 -13.65
C ALA B 248 -7.27 12.35 -14.37
N ALA B 249 -7.31 12.14 -15.67
CA ALA B 249 -6.11 12.07 -16.51
C ALA B 249 -5.35 13.40 -16.52
N LEU B 250 -6.06 14.48 -16.80
CA LEU B 250 -5.42 15.78 -16.85
C LEU B 250 -4.79 16.19 -15.54
N PHE B 251 -5.38 15.74 -14.43
CA PHE B 251 -4.85 16.06 -13.11
C PHE B 251 -3.43 15.52 -12.99
N TRP B 252 -3.24 14.26 -13.39
CA TRP B 252 -1.93 13.64 -13.30
C TRP B 252 -0.97 14.04 -14.41
N ARG B 253 -1.50 14.27 -15.61
CA ARG B 253 -0.65 14.69 -16.72
C ARG B 253 0.01 16.02 -16.36
N TRP B 254 -0.78 16.92 -15.79
CA TRP B 254 -0.29 18.23 -15.40
C TRP B 254 0.61 18.13 -14.19
N THR B 255 0.41 17.09 -13.39
CA THR B 255 1.19 16.89 -12.18
C THR B 255 2.56 16.24 -12.41
N MET B 256 2.54 15.03 -12.96
CA MET B 256 3.76 14.26 -13.18
C MET B 256 4.16 14.10 -14.65
N GLY B 257 3.37 14.66 -15.55
CA GLY B 257 3.72 14.57 -16.96
C GLY B 257 3.13 13.43 -17.74
N PHE B 258 2.53 12.47 -17.07
CA PHE B 258 1.90 11.37 -17.77
C PHE B 258 0.66 10.94 -17.01
N ASN B 259 -0.14 10.08 -17.62
CA ASN B 259 -1.39 9.64 -17.00
C ASN B 259 -1.81 8.28 -17.52
N ALA B 260 -3.02 7.87 -17.15
CA ALA B 260 -3.55 6.59 -17.57
C ALA B 260 -5.00 6.77 -18.01
N THR B 261 -5.62 5.67 -18.41
CA THR B 261 -7.02 5.67 -18.81
C THR B 261 -7.80 4.97 -17.69
N MET B 262 -9.12 5.06 -17.73
CA MET B 262 -9.97 4.45 -16.71
C MET B 262 -9.72 2.94 -16.61
N GLU B 263 -9.42 2.29 -17.73
CA GLU B 263 -9.15 0.85 -17.70
C GLU B 263 -7.71 0.54 -17.36
N GLY B 264 -6.79 1.23 -18.04
CA GLY B 264 -5.38 1.00 -17.83
C GLY B 264 -4.90 1.24 -16.41
N ILE B 265 -5.59 2.10 -15.68
CA ILE B 265 -5.17 2.36 -14.31
C ILE B 265 -5.30 1.08 -13.50
N HIS B 266 -6.32 0.28 -13.80
CA HIS B 266 -6.52 -0.96 -13.08
C HIS B 266 -5.54 -2.05 -13.52
N ARG B 267 -4.80 -1.77 -14.60
CA ARG B 267 -3.81 -2.73 -15.08
C ARG B 267 -2.49 -2.47 -14.33
N TRP B 268 -2.30 -1.22 -13.92
CA TRP B 268 -1.12 -0.84 -13.15
C TRP B 268 -1.33 -1.40 -11.75
N ALA B 269 -2.55 -1.26 -11.26
CA ALA B 269 -2.94 -1.70 -9.93
C ALA B 269 -2.72 -3.17 -9.72
N ILE B 270 -3.20 -3.99 -10.64
CA ILE B 270 -3.05 -5.42 -10.46
C ILE B 270 -1.59 -5.85 -10.51
N TRP B 271 -0.78 -5.22 -11.36
CA TRP B 271 0.63 -5.58 -11.46
C TRP B 271 1.43 -5.06 -10.28
N MET B 272 1.09 -3.86 -9.82
CA MET B 272 1.78 -3.29 -8.68
C MET B 272 1.59 -4.20 -7.46
N ALA B 273 0.39 -4.76 -7.32
CA ALA B 273 0.10 -5.63 -6.18
C ALA B 273 0.62 -7.06 -6.30
N VAL B 274 0.47 -7.71 -7.47
CA VAL B 274 0.97 -9.08 -7.58
C VAL B 274 2.48 -9.20 -7.55
N LEU B 275 3.18 -8.13 -7.92
CA LEU B 275 4.65 -8.15 -7.91
C LEU B 275 5.20 -8.25 -6.49
N VAL B 276 4.40 -7.84 -5.51
CA VAL B 276 4.80 -7.92 -4.10
C VAL B 276 5.18 -9.36 -3.72
N THR B 277 4.28 -10.30 -4.02
CA THR B 277 4.50 -11.69 -3.68
C THR B 277 5.26 -12.52 -4.70
N LEU B 278 5.32 -12.03 -5.94
CA LEU B 278 6.06 -12.72 -6.99
C LEU B 278 7.56 -12.55 -6.76
N THR B 279 7.98 -11.30 -6.67
CA THR B 279 9.39 -10.99 -6.45
C THR B 279 9.89 -11.55 -5.13
N GLY B 280 9.07 -11.45 -4.09
CA GLY B 280 9.51 -11.94 -2.80
C GLY B 280 9.56 -13.45 -2.70
N GLY B 281 8.61 -14.13 -3.31
CA GLY B 281 8.67 -15.58 -3.29
C GLY B 281 10.02 -16.00 -3.86
N ILE B 282 10.42 -15.38 -4.96
CA ILE B 282 11.71 -15.65 -5.61
C ILE B 282 12.82 -15.34 -4.64
N GLY B 283 12.69 -14.21 -3.94
CA GLY B 283 13.69 -13.80 -2.97
C GLY B 283 13.87 -14.75 -1.78
N ILE B 284 12.82 -15.47 -1.40
CA ILE B 284 12.92 -16.41 -0.29
C ILE B 284 13.37 -17.76 -0.86
N LEU B 285 12.90 -18.07 -2.05
CA LEU B 285 13.28 -19.33 -2.66
C LEU B 285 14.79 -19.37 -2.91
N LEU B 286 15.41 -18.20 -3.02
CA LEU B 286 16.84 -18.10 -3.24
C LEU B 286 17.62 -18.07 -1.93
N SER B 287 16.95 -17.83 -0.81
CA SER B 287 17.60 -17.76 0.49
C SER B 287 17.87 -19.15 1.07
N GLY B 288 19.15 -19.46 1.27
CA GLY B 288 19.52 -20.76 1.82
C GLY B 288 19.68 -21.88 0.79
N THR B 289 19.19 -21.67 -0.42
CA THR B 289 19.32 -22.69 -1.46
C THR B 289 20.38 -22.31 -2.48
N VAL B 290 20.54 -21.01 -2.72
CA VAL B 290 21.52 -20.51 -3.68
C VAL B 290 22.44 -19.50 -3.01
N VAL B 291 21.87 -18.69 -2.14
CA VAL B 291 22.63 -17.69 -1.41
C VAL B 291 22.51 -17.93 0.09
N ASP B 292 23.65 -17.96 0.78
CA ASP B 292 23.70 -18.20 2.22
C ASP B 292 23.77 -16.93 3.04
N ASN B 293 24.40 -15.89 2.46
CA ASN B 293 24.55 -14.63 3.15
C ASN B 293 24.40 -13.46 2.18
N TRP B 294 23.24 -12.82 2.24
CA TRP B 294 22.94 -11.69 1.37
C TRP B 294 23.88 -10.50 1.49
N TYR B 295 24.36 -10.20 2.69
CA TYR B 295 25.27 -9.08 2.85
C TYR B 295 26.54 -9.30 2.00
N VAL B 296 27.06 -10.51 2.09
CA VAL B 296 28.26 -10.90 1.35
C VAL B 296 27.97 -10.86 -0.15
N TRP B 297 26.90 -11.51 -0.55
CA TRP B 297 26.48 -11.53 -1.94
C TRP B 297 26.44 -10.08 -2.45
N GLY B 298 25.82 -9.21 -1.68
CA GLY B 298 25.69 -7.81 -2.05
C GLY B 298 27.00 -7.05 -2.17
N GLN B 299 27.97 -7.35 -1.31
CA GLN B 299 29.24 -6.65 -1.40
C GLN B 299 29.98 -7.04 -2.69
N ASN B 300 29.65 -8.21 -3.23
CA ASN B 300 30.27 -8.68 -4.46
C ASN B 300 29.63 -8.09 -5.72
N HIS B 301 28.34 -7.78 -5.64
CA HIS B 301 27.61 -7.20 -6.78
C HIS B 301 27.34 -5.72 -6.60
N GLY C 8 32.53 -24.65 -14.91
CA GLY C 8 31.82 -23.53 -15.61
C GLY C 8 30.35 -23.44 -15.22
N ASN C 9 30.05 -22.52 -14.30
CA ASN C 9 28.68 -22.32 -13.83
C ASN C 9 28.31 -20.84 -13.87
N PHE C 10 27.40 -20.43 -12.99
CA PHE C 10 26.95 -19.04 -12.91
C PHE C 10 26.11 -18.80 -11.66
N ASP C 11 25.99 -17.54 -11.26
CA ASP C 11 25.22 -17.17 -10.08
C ASP C 11 23.74 -17.09 -10.46
N LEU C 12 22.93 -17.98 -9.91
CA LEU C 12 21.51 -18.00 -10.21
C LEU C 12 20.77 -16.77 -9.70
N ALA C 13 21.29 -16.12 -8.67
CA ALA C 13 20.67 -14.93 -8.12
C ALA C 13 20.96 -13.69 -8.96
N SER C 14 22.20 -13.53 -9.40
CA SER C 14 22.54 -12.38 -10.22
C SER C 14 21.81 -12.47 -11.55
N LEU C 15 21.57 -13.70 -12.00
CA LEU C 15 20.87 -13.95 -13.26
C LEU C 15 19.40 -13.54 -13.14
N ALA C 16 18.74 -14.04 -12.10
CA ALA C 16 17.32 -13.77 -11.83
C ALA C 16 17.03 -12.29 -11.61
N ILE C 17 17.91 -11.59 -10.92
CA ILE C 17 17.69 -10.17 -10.68
C ILE C 17 17.97 -9.38 -11.96
N TYR C 18 18.70 -9.99 -12.89
CA TYR C 18 19.00 -9.33 -14.16
C TYR C 18 17.79 -9.56 -15.07
N SER C 19 17.24 -10.76 -15.01
CA SER C 19 16.09 -11.11 -15.82
C SER C 19 14.89 -10.26 -15.41
N PHE C 20 14.74 -10.03 -14.11
CA PHE C 20 13.62 -9.24 -13.61
C PHE C 20 13.54 -7.83 -14.19
N TRP C 21 14.67 -7.12 -14.18
CA TRP C 21 14.68 -5.76 -14.71
C TRP C 21 14.31 -5.74 -16.19
N ILE C 22 14.74 -6.75 -16.94
CA ILE C 22 14.41 -6.82 -18.35
C ILE C 22 12.89 -6.91 -18.42
N PHE C 23 12.32 -7.86 -17.67
CA PHE C 23 10.89 -8.09 -17.61
C PHE C 23 10.14 -6.82 -17.19
N LEU C 24 10.70 -6.10 -16.22
CA LEU C 24 10.05 -4.89 -15.75
C LEU C 24 9.98 -3.84 -16.86
N ALA C 25 11.11 -3.60 -17.52
CA ALA C 25 11.15 -2.63 -18.62
C ALA C 25 10.09 -3.03 -19.64
N GLY C 26 9.99 -4.33 -19.88
CA GLY C 26 9.00 -4.83 -20.82
C GLY C 26 7.58 -4.62 -20.34
N LEU C 27 7.36 -4.73 -19.03
CA LEU C 27 6.04 -4.57 -18.43
C LEU C 27 5.61 -3.10 -18.51
N ILE C 28 6.53 -2.19 -18.25
CA ILE C 28 6.23 -0.77 -18.29
C ILE C 28 5.83 -0.31 -19.70
N TYR C 29 6.50 -0.85 -20.71
CA TYR C 29 6.21 -0.51 -22.10
C TYR C 29 4.78 -0.92 -22.38
N TYR C 30 4.46 -2.18 -22.06
CA TYR C 30 3.13 -2.72 -22.25
C TYR C 30 2.06 -1.86 -21.56
N LEU C 31 2.28 -1.55 -20.29
CA LEU C 31 1.33 -0.74 -19.52
C LEU C 31 1.16 0.68 -20.06
N GLN C 32 2.24 1.31 -20.50
CA GLN C 32 2.13 2.68 -21.02
C GLN C 32 1.42 2.76 -22.38
N THR C 33 1.64 1.76 -23.24
CA THR C 33 0.98 1.76 -24.55
C THR C 33 -0.48 1.40 -24.34
N GLU C 34 -0.73 0.60 -23.29
CA GLU C 34 -2.09 0.16 -22.96
C GLU C 34 -2.91 1.36 -22.48
N ASN C 35 -2.24 2.34 -21.89
CA ASN C 35 -2.91 3.54 -21.40
C ASN C 35 -2.97 4.60 -22.46
N MET C 36 -2.90 4.20 -23.72
CA MET C 36 -2.95 5.14 -24.83
C MET C 36 -4.13 4.84 -25.75
N ARG C 37 -5.16 4.21 -25.21
CA ARG C 37 -6.34 3.90 -25.99
C ARG C 37 -7.32 5.05 -25.91
N GLU C 38 -6.93 6.10 -25.18
CA GLU C 38 -7.76 7.29 -25.01
C GLU C 38 -6.85 8.51 -25.00
N GLY C 39 -7.17 9.51 -25.81
CA GLY C 39 -6.37 10.73 -25.82
C GLY C 39 -5.26 10.85 -26.85
N TYR C 40 -4.89 9.75 -27.49
CA TYR C 40 -3.83 9.81 -28.49
C TYR C 40 -4.42 9.60 -29.89
N PRO C 41 -3.74 10.11 -30.93
CA PRO C 41 -2.49 10.87 -30.90
C PRO C 41 -2.60 12.25 -30.27
N LEU C 42 -1.47 12.75 -29.78
CA LEU C 42 -1.41 14.08 -29.17
C LEU C 42 -1.58 15.12 -30.26
N GLU C 43 -2.00 16.32 -29.89
CA GLU C 43 -2.21 17.38 -30.88
C GLU C 43 -1.55 18.68 -30.47
N ASN C 44 -1.47 19.61 -31.43
CA ASN C 44 -0.91 20.92 -31.17
C ASN C 44 -2.06 21.73 -30.58
N GLU C 45 -1.75 22.76 -29.81
CA GLU C 45 -2.79 23.58 -29.20
C GLU C 45 -3.74 24.13 -30.26
N ASP C 46 -3.45 23.81 -31.51
CA ASP C 46 -4.25 24.24 -32.65
C ASP C 46 -5.33 23.20 -32.99
N GLY C 47 -4.96 21.93 -32.97
CA GLY C 47 -5.90 20.86 -33.29
C GLY C 47 -5.30 19.84 -34.22
N THR C 48 -4.12 20.16 -34.74
CA THR C 48 -3.41 19.27 -35.66
C THR C 48 -2.46 18.34 -34.90
N PRO C 49 -2.26 17.12 -35.42
CA PRO C 49 -1.37 16.14 -34.80
C PRO C 49 -0.01 16.74 -34.45
N ALA C 50 0.63 16.23 -33.41
CA ALA C 50 1.93 16.75 -32.98
C ALA C 50 3.13 16.10 -33.68
N ALA C 51 2.89 15.00 -34.39
CA ALA C 51 3.96 14.30 -35.11
C ALA C 51 5.00 13.72 -34.15
N ASN C 52 5.16 14.36 -33.00
CA ASN C 52 6.09 13.91 -31.95
C ASN C 52 5.25 13.23 -30.87
N GLN C 53 4.86 11.99 -31.13
CA GLN C 53 4.03 11.23 -30.20
C GLN C 53 4.79 10.55 -29.06
N GLY C 54 6.12 10.68 -29.05
CA GLY C 54 6.90 10.07 -27.97
C GLY C 54 7.45 8.69 -28.31
N PRO C 55 8.20 8.07 -27.39
CA PRO C 55 8.79 6.74 -27.58
C PRO C 55 7.81 5.58 -27.50
N PHE C 56 6.56 5.87 -27.16
CA PHE C 56 5.55 4.83 -27.05
C PHE C 56 4.55 4.89 -28.19
N PRO C 57 4.38 3.76 -28.91
CA PRO C 57 3.47 3.59 -30.04
C PRO C 57 2.06 3.21 -29.59
N LEU C 58 1.06 3.52 -30.41
CA LEU C 58 -0.32 3.19 -30.08
C LEU C 58 -0.54 1.69 -30.14
N PRO C 59 -1.36 1.15 -29.23
CA PRO C 59 -1.64 -0.29 -29.21
C PRO C 59 -2.55 -0.67 -30.38
N LYS C 60 -2.73 -1.97 -30.60
CA LYS C 60 -3.59 -2.44 -31.67
C LYS C 60 -5.03 -2.36 -31.17
N PRO C 61 -5.97 -2.01 -32.06
CA PRO C 61 -7.40 -1.88 -31.76
C PRO C 61 -8.07 -3.09 -31.10
N LYS C 62 -8.84 -2.82 -30.05
CA LYS C 62 -9.58 -3.86 -29.34
C LYS C 62 -11.03 -3.44 -29.42
N THR C 63 -11.94 -4.41 -29.58
CA THR C 63 -13.36 -4.11 -29.66
C THR C 63 -14.10 -4.45 -28.37
N PHE C 64 -14.89 -3.50 -27.88
CA PHE C 64 -15.69 -3.68 -26.67
C PHE C 64 -17.15 -3.95 -27.06
N ILE C 65 -17.67 -5.08 -26.61
CA ILE C 65 -19.06 -5.43 -26.90
C ILE C 65 -19.95 -4.97 -25.74
N LEU C 66 -20.66 -3.86 -25.95
CA LEU C 66 -21.52 -3.32 -24.91
C LEU C 66 -22.76 -4.15 -24.65
N PRO C 67 -23.13 -4.29 -23.37
CA PRO C 67 -24.31 -5.07 -22.95
C PRO C 67 -25.62 -4.40 -23.34
N HIS C 68 -26.73 -5.08 -23.04
CA HIS C 68 -28.05 -4.55 -23.34
C HIS C 68 -28.14 -4.08 -24.79
N GLY C 69 -27.39 -4.76 -25.66
CA GLY C 69 -27.39 -4.42 -27.08
C GLY C 69 -27.10 -2.97 -27.40
N ARG C 70 -26.22 -2.33 -26.64
CA ARG C 70 -25.89 -0.93 -26.86
C ARG C 70 -24.84 -0.74 -27.96
N GLY C 71 -24.46 -1.83 -28.63
CA GLY C 71 -23.47 -1.72 -29.69
C GLY C 71 -22.08 -2.18 -29.30
N THR C 72 -21.06 -1.55 -29.89
CA THR C 72 -19.67 -1.89 -29.58
C THR C 72 -18.79 -0.64 -29.48
N LEU C 73 -17.52 -0.83 -29.16
CA LEU C 73 -16.60 0.29 -29.03
C LEU C 73 -15.20 -0.21 -29.35
N THR C 74 -14.53 0.49 -30.26
CA THR C 74 -13.19 0.11 -30.67
C THR C 74 -12.18 1.19 -30.33
N VAL C 75 -11.16 0.83 -29.55
CA VAL C 75 -10.11 1.77 -29.16
C VAL C 75 -8.76 1.09 -29.28
N PRO C 76 -7.72 1.85 -29.65
CA PRO C 76 -7.79 3.29 -29.95
C PRO C 76 -8.54 3.55 -31.27
N GLY C 77 -8.86 4.81 -31.53
CA GLY C 77 -9.57 5.14 -32.75
C GLY C 77 -9.79 6.62 -32.98
N PRO C 78 -10.69 6.98 -33.90
CA PRO C 78 -11.02 8.38 -34.24
C PRO C 78 -11.51 9.14 -33.02
N GLU C 79 -10.86 10.26 -32.71
CA GLU C 79 -11.26 11.05 -31.55
C GLU C 79 -12.65 11.65 -31.72
N SER C 80 -13.57 11.15 -30.91
CA SER C 80 -14.96 11.61 -30.92
C SER C 80 -15.11 13.12 -30.69
N GLU C 81 -14.77 13.57 -29.48
CA GLU C 81 -14.87 14.98 -29.07
C GLU C 81 -15.47 15.86 -30.16
N ASP C 82 -16.76 16.14 -30.05
CA ASP C 82 -17.42 16.98 -31.04
C ASP C 82 -18.43 17.96 -30.46
N ARG C 83 -18.06 19.23 -30.56
CA ARG C 83 -18.84 20.36 -30.08
C ARG C 83 -17.85 21.51 -30.07
N PRO C 84 -18.24 22.66 -30.63
CA PRO C 84 -17.32 23.81 -30.65
C PRO C 84 -16.83 24.22 -29.26
N ILE C 85 -15.54 24.49 -29.16
CA ILE C 85 -14.92 24.91 -27.90
C ILE C 85 -14.79 26.43 -27.90
N ALA C 86 -15.66 27.10 -27.16
CA ALA C 86 -15.65 28.55 -27.07
C ALA C 86 -14.44 29.08 -26.30
N LEU C 87 -13.25 28.75 -26.79
CA LEU C 87 -12.00 29.21 -26.17
C LEU C 87 -11.08 29.74 -27.27
N ALA C 88 -10.30 30.76 -26.95
CA ALA C 88 -9.38 31.35 -27.93
C ALA C 88 -7.96 31.52 -27.39
N ARG C 89 -6.97 31.32 -28.27
CA ARG C 89 -5.56 31.46 -27.92
C ARG C 89 -5.34 32.72 -27.07
N THR C 90 -4.28 32.71 -26.28
CA THR C 90 -3.95 33.83 -25.42
C THR C 90 -2.53 34.32 -25.72
N ALA C 91 -1.76 33.48 -26.39
CA ALA C 91 -0.40 33.81 -26.78
C ALA C 91 -0.14 33.18 -28.13
N VAL C 92 0.95 33.57 -28.77
CA VAL C 92 1.29 33.01 -30.08
C VAL C 92 2.11 31.74 -29.88
N SER C 93 2.70 31.63 -28.69
CA SER C 93 3.52 30.48 -28.34
C SER C 93 2.67 29.46 -27.58
N GLU C 94 3.05 28.20 -27.65
CA GLU C 94 2.32 27.13 -26.96
C GLU C 94 2.61 27.14 -25.46
N GLY C 95 1.69 26.59 -24.67
CA GLY C 95 1.89 26.52 -23.23
C GLY C 95 1.17 27.57 -22.40
N PHE C 96 0.22 28.29 -22.99
CA PHE C 96 -0.52 29.30 -22.25
C PHE C 96 -2.00 29.04 -22.27
N PRO C 97 -2.73 29.60 -21.29
CA PRO C 97 -4.18 29.42 -21.20
C PRO C 97 -4.96 29.90 -22.42
N HIS C 98 -6.17 29.38 -22.57
CA HIS C 98 -7.06 29.77 -23.65
C HIS C 98 -8.28 30.37 -22.96
N ALA C 99 -8.44 31.68 -23.09
CA ALA C 99 -9.55 32.39 -22.46
C ALA C 99 -10.90 32.16 -23.15
N PRO C 100 -11.96 31.98 -22.36
CA PRO C 100 -13.30 31.75 -22.91
C PRO C 100 -13.69 32.93 -23.80
N THR C 101 -14.44 32.66 -24.86
CA THR C 101 -14.85 33.74 -25.74
C THR C 101 -16.24 34.22 -25.32
N GLY C 102 -17.06 33.29 -24.85
CA GLY C 102 -18.40 33.65 -24.40
C GLY C 102 -18.54 33.45 -22.90
N ASP C 103 -19.60 32.75 -22.50
CA ASP C 103 -19.85 32.45 -21.09
C ASP C 103 -19.41 31.02 -20.79
N PRO C 104 -18.27 30.87 -20.10
CA PRO C 104 -17.74 29.54 -19.77
C PRO C 104 -18.78 28.57 -19.20
N MET C 105 -19.57 29.04 -18.25
CA MET C 105 -20.62 28.22 -17.63
C MET C 105 -21.58 27.65 -18.68
N LYS C 106 -22.09 28.53 -19.54
CA LYS C 106 -23.04 28.12 -20.56
C LYS C 106 -22.38 27.45 -21.78
N ASP C 107 -21.11 27.78 -22.02
CA ASP C 107 -20.39 27.19 -23.15
C ASP C 107 -19.87 25.79 -22.86
N GLY C 108 -19.74 25.45 -21.57
CA GLY C 108 -19.27 24.13 -21.19
C GLY C 108 -17.78 23.92 -21.34
N VAL C 109 -16.98 24.82 -20.79
CA VAL C 109 -15.52 24.71 -20.86
C VAL C 109 -14.89 24.96 -19.49
N GLY C 110 -13.62 24.59 -19.33
CA GLY C 110 -12.97 24.77 -18.05
C GLY C 110 -13.63 23.84 -17.05
N PRO C 111 -13.70 24.22 -15.78
CA PRO C 111 -14.34 23.35 -14.78
C PRO C 111 -15.83 23.18 -15.05
N ALA C 112 -16.30 23.79 -16.14
CA ALA C 112 -17.71 23.69 -16.51
C ALA C 112 -17.89 22.75 -17.69
N SER C 113 -16.79 22.14 -18.12
CA SER C 113 -16.80 21.22 -19.26
C SER C 113 -17.63 19.95 -19.03
N TRP C 114 -18.21 19.47 -20.13
CA TRP C 114 -18.98 18.23 -20.13
C TRP C 114 -18.54 17.45 -21.36
N VAL C 115 -18.90 16.18 -21.45
CA VAL C 115 -18.49 15.34 -22.57
C VAL C 115 -19.69 14.77 -23.32
N ALA C 116 -19.57 14.67 -24.64
CA ALA C 116 -20.64 14.15 -25.49
C ALA C 116 -20.90 12.66 -25.27
N ARG C 117 -21.39 12.30 -24.09
CA ARG C 117 -21.65 10.89 -23.79
C ARG C 117 -22.93 10.41 -24.46
N ARG C 118 -23.15 9.09 -24.44
CA ARG C 118 -24.34 8.51 -25.07
C ARG C 118 -25.59 9.09 -24.44
N ASP C 119 -26.49 9.59 -25.28
CA ASP C 119 -27.72 10.19 -24.80
C ASP C 119 -28.79 9.17 -24.41
N LEU C 120 -28.43 8.30 -23.48
CA LEU C 120 -29.32 7.27 -22.96
C LEU C 120 -28.98 7.09 -21.50
N PRO C 121 -29.94 6.59 -20.70
CA PRO C 121 -29.70 6.38 -19.27
C PRO C 121 -28.81 5.16 -19.01
N GLU C 122 -28.16 5.13 -17.85
CA GLU C 122 -27.31 4.00 -17.50
C GLU C 122 -28.25 2.92 -16.99
N LEU C 123 -28.07 1.72 -17.51
CA LEU C 123 -28.91 0.59 -17.11
C LEU C 123 -28.22 -0.31 -16.09
N ASP C 124 -29.02 -1.03 -15.32
CA ASP C 124 -28.49 -1.95 -14.32
C ASP C 124 -28.43 -3.35 -14.93
N GLY C 125 -28.31 -4.36 -14.07
CA GLY C 125 -28.24 -5.73 -14.56
C GLY C 125 -29.49 -6.19 -15.28
N HIS C 126 -30.65 -5.90 -14.69
CA HIS C 126 -31.93 -6.32 -15.26
C HIS C 126 -32.35 -5.54 -16.50
N GLY C 127 -31.58 -4.54 -16.90
CA GLY C 127 -31.93 -3.77 -18.08
C GLY C 127 -32.76 -2.54 -17.78
N HIS C 128 -33.03 -2.30 -16.51
CA HIS C 128 -33.83 -1.15 -16.09
C HIS C 128 -32.92 0.06 -15.88
N ASN C 129 -33.51 1.23 -15.74
CA ASN C 129 -32.73 2.43 -15.51
C ASN C 129 -32.09 2.32 -14.14
N LYS C 130 -30.82 2.71 -14.06
CA LYS C 130 -30.06 2.65 -12.82
C LYS C 130 -30.51 3.74 -11.85
N ILE C 131 -30.87 4.91 -12.40
CA ILE C 131 -31.31 6.05 -11.60
C ILE C 131 -32.80 6.34 -11.78
N LYS C 132 -33.57 6.32 -10.69
CA LYS C 132 -35.01 6.56 -10.73
C LYS C 132 -35.47 7.53 -9.64
N PRO C 133 -36.49 8.36 -9.93
CA PRO C 133 -37.01 9.30 -8.94
C PRO C 133 -37.68 8.50 -7.83
N MET C 134 -37.27 8.72 -6.59
CA MET C 134 -37.80 7.99 -5.44
C MET C 134 -39.32 7.85 -5.36
N LYS C 135 -40.05 8.81 -5.92
CA LYS C 135 -41.50 8.73 -5.90
C LYS C 135 -41.97 7.88 -7.08
N ALA C 136 -41.09 6.96 -7.47
CA ALA C 136 -41.33 6.02 -8.57
C ALA C 136 -40.53 4.75 -8.27
N ALA C 137 -39.63 4.85 -7.30
CA ALA C 137 -38.80 3.73 -6.88
C ALA C 137 -39.68 2.57 -6.42
N ALA C 138 -39.11 1.37 -6.40
CA ALA C 138 -39.87 0.18 -6.00
C ALA C 138 -39.82 -0.08 -4.49
N GLY C 139 -40.27 0.89 -3.69
CA GLY C 139 -40.28 0.71 -2.25
C GLY C 139 -39.13 1.33 -1.48
N PHE C 140 -38.63 2.48 -1.95
CA PHE C 140 -37.52 3.15 -1.28
C PHE C 140 -38.01 4.19 -0.27
N HIS C 141 -37.66 3.98 1.01
CA HIS C 141 -38.05 4.88 2.08
C HIS C 141 -36.88 5.76 2.51
N VAL C 142 -37.18 6.96 2.99
CA VAL C 142 -36.15 7.89 3.42
C VAL C 142 -35.73 7.63 4.87
N SER C 143 -34.75 6.76 5.04
CA SER C 143 -34.24 6.42 6.36
C SER C 143 -32.77 6.80 6.49
N ALA C 144 -32.26 7.53 5.50
CA ALA C 144 -30.86 7.96 5.48
C ALA C 144 -30.60 9.03 6.54
N GLY C 145 -31.65 9.38 7.29
CA GLY C 145 -31.50 10.39 8.32
C GLY C 145 -32.48 11.54 8.16
N LYS C 146 -31.99 12.63 7.58
CA LYS C 146 -32.81 13.82 7.35
C LYS C 146 -33.41 13.82 5.95
N ASN C 147 -34.71 14.10 5.86
CA ASN C 147 -35.41 14.14 4.58
C ASN C 147 -35.48 15.58 4.06
N PRO C 148 -34.89 15.82 2.88
CA PRO C 148 -34.86 17.14 2.25
C PRO C 148 -36.12 17.56 1.51
N ILE C 149 -36.97 16.59 1.16
CA ILE C 149 -38.19 16.91 0.42
C ILE C 149 -39.06 17.93 1.15
N GLY C 150 -39.12 19.14 0.60
CA GLY C 150 -39.92 20.19 1.20
C GLY C 150 -39.10 21.39 1.65
N LEU C 151 -37.80 21.19 1.82
CA LEU C 151 -36.91 22.27 2.26
C LEU C 151 -36.55 23.27 1.16
N PRO C 152 -36.16 24.49 1.58
CA PRO C 152 -35.78 25.55 0.64
C PRO C 152 -34.30 25.41 0.29
N VAL C 153 -33.97 25.65 -0.97
CA VAL C 153 -32.59 25.54 -1.42
C VAL C 153 -32.02 26.91 -1.70
N ARG C 154 -30.89 27.24 -1.07
CA ARG C 154 -30.28 28.54 -1.31
C ARG C 154 -28.88 28.40 -1.90
N GLY C 155 -28.39 29.48 -2.51
CA GLY C 155 -27.07 29.45 -3.11
C GLY C 155 -26.00 30.17 -2.33
N CYS C 156 -24.82 30.30 -2.94
CA CYS C 156 -23.69 30.96 -2.30
C CYS C 156 -23.92 32.46 -2.13
N ASP C 157 -24.93 32.99 -2.80
CA ASP C 157 -25.26 34.41 -2.69
C ASP C 157 -26.17 34.63 -1.48
N LEU C 158 -26.55 33.51 -0.85
CA LEU C 158 -27.40 33.52 0.35
C LEU C 158 -28.86 33.84 0.04
N GLU C 159 -29.30 33.47 -1.16
CA GLU C 159 -30.68 33.69 -1.58
C GLU C 159 -31.32 32.37 -1.94
N ILE C 160 -32.61 32.23 -1.65
CA ILE C 160 -33.31 30.99 -1.94
C ILE C 160 -33.66 30.93 -3.44
N ALA C 161 -33.41 29.77 -4.05
CA ALA C 161 -33.66 29.58 -5.47
C ALA C 161 -34.75 28.56 -5.77
N GLY C 162 -35.26 27.90 -4.73
CA GLY C 162 -36.30 26.91 -4.91
C GLY C 162 -36.39 25.98 -3.72
N LYS C 163 -37.10 24.86 -3.89
CA LYS C 163 -37.24 23.89 -2.82
C LYS C 163 -37.10 22.46 -3.32
N VAL C 164 -36.77 21.55 -2.41
CA VAL C 164 -36.62 20.15 -2.79
C VAL C 164 -37.96 19.53 -3.07
N VAL C 165 -38.10 18.99 -4.28
CA VAL C 165 -39.33 18.35 -4.73
C VAL C 165 -39.23 16.84 -4.66
N ASP C 166 -38.07 16.30 -5.01
CA ASP C 166 -37.89 14.86 -4.99
C ASP C 166 -36.41 14.45 -4.83
N ILE C 167 -36.20 13.14 -4.70
CA ILE C 167 -34.87 12.58 -4.54
C ILE C 167 -34.65 11.50 -5.60
N TRP C 168 -33.59 11.63 -6.39
CA TRP C 168 -33.29 10.62 -7.40
C TRP C 168 -32.28 9.63 -6.83
N VAL C 169 -32.73 8.40 -6.62
CA VAL C 169 -31.89 7.36 -6.04
C VAL C 169 -31.30 6.40 -7.07
N ASP C 170 -30.10 5.91 -6.78
CA ASP C 170 -29.41 4.97 -7.64
C ASP C 170 -29.78 3.58 -7.14
N ILE C 171 -30.83 3.01 -7.73
CA ILE C 171 -31.34 1.70 -7.34
C ILE C 171 -30.30 0.64 -6.97
N PRO C 172 -29.51 0.15 -7.95
CA PRO C 172 -28.52 -0.87 -7.63
C PRO C 172 -27.60 -0.54 -6.45
N GLU C 173 -26.79 0.51 -6.58
CA GLU C 173 -25.90 0.90 -5.48
C GLU C 173 -26.72 1.36 -4.27
N GLN C 174 -27.98 1.69 -4.52
CA GLN C 174 -28.89 2.13 -3.47
C GLN C 174 -28.42 3.33 -2.65
N MET C 175 -28.41 4.50 -3.29
CA MET C 175 -28.00 5.75 -2.66
C MET C 175 -28.55 6.90 -3.50
N ALA C 176 -28.71 8.06 -2.89
CA ALA C 176 -29.22 9.22 -3.62
C ALA C 176 -28.12 9.86 -4.45
N ARG C 177 -28.43 10.18 -5.71
CA ARG C 177 -27.46 10.80 -6.60
C ARG C 177 -27.86 12.21 -7.01
N PHE C 178 -29.15 12.51 -6.91
CA PHE C 178 -29.64 13.82 -7.29
C PHE C 178 -30.78 14.35 -6.45
N LEU C 179 -30.78 15.65 -6.24
CA LEU C 179 -31.84 16.31 -5.50
C LEU C 179 -32.58 17.13 -6.55
N GLU C 180 -33.86 16.85 -6.72
CA GLU C 180 -34.68 17.57 -7.67
C GLU C 180 -35.22 18.82 -6.99
N VAL C 181 -34.99 19.97 -7.60
CA VAL C 181 -35.45 21.23 -7.02
C VAL C 181 -36.35 22.02 -7.97
N GLU C 182 -37.52 22.42 -7.48
CA GLU C 182 -38.47 23.20 -8.26
C GLU C 182 -38.09 24.69 -8.21
N LEU C 183 -37.79 25.26 -9.37
CA LEU C 183 -37.44 26.66 -9.45
C LEU C 183 -38.71 27.48 -9.25
N LYS C 184 -38.58 28.81 -9.18
CA LYS C 184 -39.76 29.62 -8.97
C LYS C 184 -40.80 29.48 -10.08
N ASP C 185 -40.34 29.43 -11.33
CA ASP C 185 -41.26 29.31 -12.46
C ASP C 185 -42.00 27.98 -12.52
N GLY C 186 -41.86 27.17 -11.47
CA GLY C 186 -42.55 25.89 -11.43
C GLY C 186 -41.78 24.74 -12.05
N SER C 187 -40.83 25.04 -12.92
CA SER C 187 -40.03 24.00 -13.58
C SER C 187 -39.01 23.45 -12.58
N THR C 188 -38.53 22.24 -12.85
CA THR C 188 -37.57 21.60 -11.96
C THR C 188 -36.18 21.32 -12.55
N ARG C 189 -35.17 21.27 -11.68
CA ARG C 189 -33.79 21.00 -12.06
C ARG C 189 -33.21 19.94 -11.12
N LEU C 190 -32.16 19.26 -11.57
CA LEU C 190 -31.51 18.23 -10.76
C LEU C 190 -30.18 18.73 -10.21
N LEU C 191 -29.93 18.47 -8.93
CA LEU C 191 -28.68 18.88 -8.27
C LEU C 191 -27.90 17.67 -7.75
N PRO C 192 -26.58 17.63 -8.02
CA PRO C 192 -25.71 16.54 -7.58
C PRO C 192 -25.59 16.54 -6.05
N MET C 193 -25.89 15.40 -5.43
CA MET C 193 -25.81 15.27 -3.97
C MET C 193 -24.48 15.71 -3.37
N GLN C 194 -23.38 15.47 -4.09
CA GLN C 194 -22.07 15.85 -3.60
C GLN C 194 -21.87 17.36 -3.62
N MET C 195 -22.80 18.07 -4.27
CA MET C 195 -22.68 19.52 -4.37
C MET C 195 -23.62 20.30 -3.48
N VAL C 196 -24.36 19.61 -2.63
CA VAL C 196 -25.30 20.26 -1.73
C VAL C 196 -25.12 19.79 -0.29
N LYS C 197 -25.36 20.70 0.65
CA LYS C 197 -25.26 20.37 2.07
C LYS C 197 -26.66 20.43 2.66
N VAL C 198 -27.17 19.29 3.11
CA VAL C 198 -28.50 19.24 3.70
C VAL C 198 -28.48 19.59 5.19
N GLN C 199 -28.95 20.80 5.49
CA GLN C 199 -29.02 21.30 6.86
C GLN C 199 -30.38 20.98 7.49
N SER C 200 -30.56 21.39 8.75
CA SER C 200 -31.80 21.13 9.47
C SER C 200 -33.02 21.81 8.85
N ASN C 201 -32.89 23.08 8.52
CA ASN C 201 -34.00 23.82 7.94
C ASN C 201 -33.83 24.22 6.49
N ARG C 202 -32.79 23.70 5.83
CA ARG C 202 -32.56 24.04 4.43
C ARG C 202 -31.45 23.24 3.76
N VAL C 203 -31.29 23.50 2.47
CA VAL C 203 -30.28 22.86 1.64
C VAL C 203 -29.38 23.95 1.08
N HIS C 204 -28.11 23.92 1.43
CA HIS C 204 -27.17 24.92 0.94
C HIS C 204 -26.33 24.41 -0.21
N VAL C 205 -26.28 25.20 -1.29
CA VAL C 205 -25.50 24.87 -2.48
C VAL C 205 -24.42 25.93 -2.64
N ASN C 206 -23.18 25.60 -2.26
CA ASN C 206 -22.08 26.55 -2.34
C ASN C 206 -21.48 26.74 -3.74
N ALA C 207 -21.73 25.80 -4.64
CA ALA C 207 -21.18 25.90 -5.99
C ALA C 207 -21.96 26.84 -6.90
N LEU C 208 -23.23 27.09 -6.58
CA LEU C 208 -24.05 27.97 -7.42
C LEU C 208 -24.70 29.16 -6.73
N SER C 209 -24.89 30.21 -7.51
CA SER C 209 -25.54 31.45 -7.06
C SER C 209 -27.01 31.35 -7.47
N SER C 210 -27.91 31.70 -6.57
CA SER C 210 -29.35 31.61 -6.84
C SER C 210 -29.77 31.86 -8.29
N ASP C 211 -29.14 32.85 -8.93
CA ASP C 211 -29.48 33.20 -10.31
C ASP C 211 -28.91 32.26 -11.37
N LEU C 212 -28.08 31.30 -10.97
CA LEU C 212 -27.49 30.36 -11.91
C LEU C 212 -28.24 29.05 -11.96
N PHE C 213 -29.21 28.89 -11.06
CA PHE C 213 -30.00 27.66 -11.02
C PHE C 213 -30.77 27.43 -12.30
N ALA C 214 -31.31 28.50 -12.88
CA ALA C 214 -32.07 28.39 -14.12
C ALA C 214 -31.16 27.89 -15.24
N GLY C 215 -29.91 28.35 -15.22
CA GLY C 215 -28.95 27.96 -16.24
C GLY C 215 -28.57 26.48 -16.22
N ILE C 216 -29.05 25.75 -15.22
CA ILE C 216 -28.74 24.33 -15.12
C ILE C 216 -29.42 23.58 -16.25
N PRO C 217 -28.66 22.81 -17.04
CA PRO C 217 -29.25 22.05 -18.15
C PRO C 217 -30.45 21.23 -17.67
N THR C 218 -31.48 21.13 -18.52
CA THR C 218 -32.67 20.37 -18.17
C THR C 218 -32.69 18.99 -18.79
N ILE C 219 -33.41 18.08 -18.15
CA ILE C 219 -33.52 16.72 -18.64
C ILE C 219 -34.78 16.60 -19.48
N LYS C 220 -34.74 15.77 -20.52
CA LYS C 220 -35.91 15.58 -21.36
C LYS C 220 -36.97 14.83 -20.56
N SER C 221 -37.07 13.51 -20.75
CA SER C 221 -38.04 12.72 -19.99
C SER C 221 -37.93 13.11 -18.52
N PRO C 222 -39.06 13.52 -17.90
CA PRO C 222 -39.05 13.91 -16.48
C PRO C 222 -38.91 12.74 -15.52
N THR C 223 -38.71 11.54 -16.07
CA THR C 223 -38.57 10.34 -15.24
C THR C 223 -37.20 9.69 -15.30
N GLU C 224 -36.42 10.01 -16.33
CA GLU C 224 -35.09 9.42 -16.48
C GLU C 224 -34.05 10.46 -16.89
N VAL C 225 -32.79 10.19 -16.55
CA VAL C 225 -31.69 11.07 -16.90
C VAL C 225 -30.66 10.26 -17.68
N THR C 226 -30.18 10.82 -18.78
CA THR C 226 -29.21 10.14 -19.63
C THR C 226 -27.78 10.51 -19.26
N LEU C 227 -26.82 9.73 -19.73
CA LEU C 227 -25.41 9.99 -19.44
C LEU C 227 -25.02 11.38 -19.92
N LEU C 228 -25.44 11.75 -21.12
CA LEU C 228 -25.12 13.06 -21.65
C LEU C 228 -25.67 14.15 -20.73
N GLU C 229 -26.91 13.99 -20.30
CA GLU C 229 -27.53 14.96 -19.43
C GLU C 229 -26.81 15.03 -18.08
N GLU C 230 -26.29 13.89 -17.60
CA GLU C 230 -25.57 13.88 -16.33
C GLU C 230 -24.29 14.70 -16.40
N ASP C 231 -23.56 14.57 -17.50
CA ASP C 231 -22.31 15.33 -17.67
C ASP C 231 -22.57 16.83 -17.78
N LYS C 232 -23.67 17.18 -18.44
CA LYS C 232 -24.05 18.59 -18.62
C LYS C 232 -24.29 19.23 -17.26
N ILE C 233 -25.09 18.55 -16.44
CA ILE C 233 -25.44 19.00 -15.11
C ILE C 233 -24.25 19.09 -14.17
N CYS C 234 -23.52 17.99 -14.03
CA CYS C 234 -22.36 17.93 -13.14
C CYS C 234 -21.25 18.89 -13.52
N GLY C 235 -20.93 18.94 -14.82
CA GLY C 235 -19.89 19.84 -15.28
C GLY C 235 -20.29 21.27 -15.00
N TYR C 236 -21.57 21.57 -15.20
CA TYR C 236 -22.12 22.90 -14.97
C TYR C 236 -22.07 23.29 -13.50
N VAL C 237 -22.62 22.45 -12.63
CA VAL C 237 -22.62 22.71 -11.20
C VAL C 237 -21.20 22.89 -10.65
N ALA C 238 -20.29 22.02 -11.05
CA ALA C 238 -18.92 22.09 -10.58
C ALA C 238 -18.20 23.34 -11.07
N GLY C 239 -18.56 23.80 -12.26
CA GLY C 239 -17.93 24.98 -12.82
C GLY C 239 -18.24 26.24 -12.03
N GLY C 240 -19.32 26.17 -11.25
CA GLY C 240 -19.73 27.30 -10.43
C GLY C 240 -18.76 27.59 -9.31
N LEU C 241 -18.01 26.58 -8.86
CA LEU C 241 -17.07 26.79 -7.78
C LEU C 241 -16.06 27.87 -8.18
N MET C 242 -15.65 27.83 -9.44
CA MET C 242 -14.72 28.82 -9.94
C MET C 242 -15.42 30.04 -10.52
N TYR C 243 -16.39 29.80 -11.39
CA TYR C 243 -17.09 30.89 -12.06
C TYR C 243 -18.17 31.65 -11.30
N ALA C 244 -18.70 31.06 -10.24
CA ALA C 244 -19.72 31.75 -9.45
C ALA C 244 -19.06 32.37 -8.23
N ALA C 245 -17.74 32.43 -8.27
CA ALA C 245 -16.94 32.98 -7.18
C ALA C 245 -17.17 34.45 -6.87
N PRO C 246 -17.33 35.29 -7.91
CA PRO C 246 -17.56 36.72 -7.68
C PRO C 246 -18.85 37.02 -6.93
N LYS C 247 -19.75 36.03 -6.86
CA LYS C 247 -21.03 36.22 -6.18
C LYS C 247 -21.13 35.36 -4.92
N ARG C 248 -20.02 34.73 -4.54
CA ARG C 248 -19.99 33.87 -3.37
C ARG C 248 -19.75 34.70 -2.11
N LYS C 249 -20.69 34.62 -1.17
CA LYS C 249 -20.59 35.35 0.09
C LYS C 249 -19.55 34.70 0.99
N SER C 250 -18.81 35.52 1.73
CA SER C 250 -17.78 35.02 2.64
C SER C 250 -18.38 34.18 3.77
N VAL C 251 -17.55 33.84 4.73
CA VAL C 251 -17.96 33.03 5.89
C VAL C 251 -18.57 31.72 5.41
N VAL C 252 -18.00 31.17 4.34
CA VAL C 252 -18.47 29.91 3.76
C VAL C 252 -18.21 28.74 4.71
N ALA C 253 -19.29 28.14 5.19
CA ALA C 253 -19.21 27.01 6.12
C ALA C 253 -20.53 26.24 6.13
N GLN D 1 39.39 -30.73 13.98
CA GLN D 1 38.29 -31.61 14.48
C GLN D 1 37.63 -31.01 15.71
N GLU D 2 36.36 -31.34 15.92
CA GLU D 2 35.60 -30.86 17.07
C GLU D 2 35.54 -29.33 17.05
N GLY D 3 35.77 -28.77 15.85
CA GLY D 3 35.76 -27.34 15.66
C GLY D 3 36.63 -26.98 14.48
N ASP D 4 36.07 -26.28 13.50
CA ASP D 4 36.79 -25.86 12.32
C ASP D 4 36.81 -24.34 12.23
N PRO D 5 37.99 -23.73 12.41
CA PRO D 5 38.12 -22.27 12.36
C PRO D 5 37.64 -21.61 11.06
N GLU D 6 38.02 -22.18 9.92
CA GLU D 6 37.63 -21.63 8.62
C GLU D 6 36.12 -21.69 8.36
N ALA D 7 35.48 -22.74 8.86
CA ALA D 7 34.04 -22.89 8.70
C ALA D 7 33.40 -22.00 9.75
N GLY D 8 34.13 -21.77 10.84
CA GLY D 8 33.62 -20.93 11.90
C GLY D 8 33.60 -19.48 11.48
N ALA D 9 34.58 -19.09 10.67
CA ALA D 9 34.67 -17.72 10.19
C ALA D 9 33.47 -17.40 9.29
N LYS D 10 33.06 -18.39 8.49
CA LYS D 10 31.94 -18.19 7.59
C LYS D 10 30.63 -18.16 8.36
N ALA D 11 30.49 -19.06 9.32
CA ALA D 11 29.30 -19.11 10.14
C ALA D 11 29.13 -17.86 10.99
N PHE D 12 30.25 -17.23 11.34
CA PHE D 12 30.23 -16.02 12.17
C PHE D 12 29.63 -14.82 11.44
N ASN D 13 29.48 -14.93 10.12
CA ASN D 13 28.91 -13.83 9.35
C ASN D 13 27.52 -13.42 9.79
N GLN D 14 26.69 -14.41 10.11
CA GLN D 14 25.34 -14.12 10.54
C GLN D 14 25.31 -13.36 11.88
N CYS D 15 26.43 -13.37 12.60
CA CYS D 15 26.51 -12.68 13.89
C CYS D 15 26.85 -11.20 13.70
N GLN D 16 27.38 -10.86 12.53
CA GLN D 16 27.78 -9.50 12.26
C GLN D 16 26.68 -8.46 12.09
N THR D 17 25.43 -8.91 12.14
CA THR D 17 24.33 -7.97 12.03
C THR D 17 24.20 -7.28 13.39
N CYS D 18 24.87 -7.84 14.40
CA CYS D 18 24.81 -7.26 15.74
C CYS D 18 26.16 -7.15 16.44
N HIS D 19 27.06 -8.11 16.19
CA HIS D 19 28.39 -8.14 16.81
C HIS D 19 29.54 -7.75 15.88
N VAL D 20 30.68 -7.47 16.51
CA VAL D 20 31.89 -7.11 15.78
C VAL D 20 33.04 -7.76 16.56
N ILE D 21 34.21 -7.84 15.96
CA ILE D 21 35.41 -8.36 16.63
C ILE D 21 36.51 -7.33 16.34
N VAL D 22 36.77 -6.48 17.33
CA VAL D 22 37.78 -5.44 17.20
C VAL D 22 38.78 -5.55 18.35
N ASP D 23 40.05 -5.80 18.03
CA ASP D 23 41.07 -5.93 19.06
C ASP D 23 41.31 -4.63 19.80
N ASP D 24 42.26 -4.63 20.71
CA ASP D 24 42.55 -3.45 21.50
C ASP D 24 43.33 -2.35 20.78
N SER D 25 43.77 -2.63 19.54
CA SER D 25 44.50 -1.63 18.78
C SER D 25 43.51 -0.83 17.95
N GLY D 26 42.29 -1.33 17.83
CA GLY D 26 41.30 -0.64 17.03
C GLY D 26 41.11 -1.28 15.67
N THR D 27 41.87 -2.33 15.41
CA THR D 27 41.78 -3.04 14.14
C THR D 27 40.62 -4.05 14.13
N THR D 28 39.85 -4.00 13.06
CA THR D 28 38.71 -4.87 12.87
C THR D 28 39.09 -6.24 12.32
N ILE D 29 38.80 -7.29 13.09
CA ILE D 29 39.09 -8.67 12.67
C ILE D 29 37.88 -9.20 11.88
N ALA D 30 36.70 -8.69 12.22
CA ALA D 30 35.47 -9.10 11.57
C ALA D 30 34.37 -8.14 11.99
N GLY D 31 33.50 -7.78 11.06
CA GLY D 31 32.41 -6.88 11.39
C GLY D 31 32.11 -5.86 10.32
N ARG D 32 30.97 -5.19 10.51
CA ARG D 32 30.49 -4.15 9.62
C ARG D 32 30.08 -3.01 10.56
N ASN D 33 30.83 -2.84 11.65
CA ASN D 33 30.55 -1.79 12.62
C ASN D 33 29.23 -2.01 13.42
N ALA D 34 28.76 -3.24 13.51
CA ALA D 34 27.52 -3.51 14.26
C ALA D 34 27.70 -3.19 15.75
N LYS D 35 26.69 -2.61 16.37
CA LYS D 35 26.78 -2.27 17.79
C LYS D 35 25.63 -2.79 18.68
N THR D 36 24.74 -3.59 18.12
CA THR D 36 23.63 -4.11 18.91
C THR D 36 24.13 -5.03 20.03
N GLY D 37 25.09 -5.90 19.69
CA GLY D 37 25.67 -6.82 20.66
C GLY D 37 27.09 -6.39 21.03
N PRO D 38 27.62 -6.86 22.17
CA PRO D 38 28.97 -6.48 22.60
C PRO D 38 30.09 -6.90 21.64
N ASN D 39 31.24 -6.25 21.78
CA ASN D 39 32.43 -6.57 20.99
C ASN D 39 32.88 -7.94 21.48
N LEU D 40 32.98 -8.91 20.58
CA LEU D 40 33.38 -10.27 20.96
C LEU D 40 34.87 -10.57 21.02
N TYR D 41 35.70 -9.57 20.76
CA TYR D 41 37.14 -9.79 20.84
C TYR D 41 37.49 -9.90 22.32
N GLY D 42 38.18 -10.98 22.70
CA GLY D 42 38.54 -11.19 24.08
C GLY D 42 37.45 -11.85 24.91
N VAL D 43 36.44 -12.41 24.24
CA VAL D 43 35.33 -13.06 24.94
C VAL D 43 35.72 -14.43 25.51
N VAL D 44 36.63 -15.12 24.82
CA VAL D 44 37.09 -16.44 25.26
C VAL D 44 37.70 -16.36 26.66
N GLY D 45 37.02 -16.97 27.63
CA GLY D 45 37.50 -16.95 29.00
C GLY D 45 37.11 -15.69 29.75
N ARG D 46 36.25 -14.89 29.15
CA ARG D 46 35.83 -13.65 29.79
C ARG D 46 34.58 -13.89 30.62
N THR D 47 34.39 -13.08 31.65
CA THR D 47 33.24 -13.19 32.53
C THR D 47 32.03 -12.56 31.85
N ALA D 48 31.03 -13.36 31.56
CA ALA D 48 29.82 -12.90 30.92
C ALA D 48 29.29 -11.59 31.49
N GLY D 49 28.86 -10.70 30.61
CA GLY D 49 28.31 -9.41 31.00
C GLY D 49 29.29 -8.37 31.47
N THR D 50 30.53 -8.40 30.98
CA THR D 50 31.52 -7.41 31.42
C THR D 50 32.37 -6.71 30.35
N GLN D 51 31.98 -6.79 29.08
CA GLN D 51 32.75 -6.10 28.05
C GLN D 51 32.61 -4.62 28.40
N ALA D 52 33.73 -3.99 28.73
CA ALA D 52 33.77 -2.58 29.14
C ALA D 52 32.93 -1.54 28.40
N ASP D 53 32.81 -1.67 27.09
CA ASP D 53 32.05 -0.69 26.32
C ASP D 53 30.57 -0.98 26.13
N PHE D 54 30.18 -2.25 26.17
CA PHE D 54 28.78 -2.58 25.96
C PHE D 54 27.89 -2.10 27.12
N LYS D 55 26.93 -1.24 26.80
CA LYS D 55 26.03 -0.66 27.79
C LYS D 55 24.61 -1.25 27.68
N GLY D 56 24.46 -2.34 26.94
CA GLY D 56 23.14 -2.93 26.79
C GLY D 56 22.97 -4.33 27.33
N TYR D 57 23.75 -4.70 28.34
CA TYR D 57 23.67 -6.03 28.93
C TYR D 57 22.40 -6.17 29.76
N GLY D 58 21.78 -7.34 29.71
CA GLY D 58 20.58 -7.57 30.48
C GLY D 58 20.90 -7.93 31.92
N GLU D 59 19.88 -8.12 32.74
CA GLU D 59 20.11 -8.48 34.13
C GLU D 59 20.50 -9.96 34.28
N GLY D 60 19.84 -10.82 33.51
CA GLY D 60 20.16 -12.22 33.55
C GLY D 60 21.61 -12.48 33.19
N MET D 61 22.08 -11.81 32.14
CA MET D 61 23.45 -11.94 31.67
C MET D 61 24.43 -11.47 32.74
N LYS D 62 24.11 -10.34 33.36
CA LYS D 62 24.95 -9.75 34.40
C LYS D 62 24.96 -10.55 35.70
N GLU D 63 23.85 -11.20 36.02
CA GLU D 63 23.76 -11.99 37.24
C GLU D 63 24.40 -13.36 37.04
N ALA D 64 24.67 -13.71 35.79
CA ALA D 64 25.31 -14.99 35.48
C ALA D 64 26.81 -14.79 35.58
N GLY D 65 27.27 -13.58 35.25
CA GLY D 65 28.68 -13.27 35.33
C GLY D 65 29.02 -13.13 36.80
N ALA D 66 28.06 -12.59 37.56
CA ALA D 66 28.23 -12.39 39.00
C ALA D 66 28.31 -13.75 39.70
N LYS D 67 27.61 -14.74 39.18
CA LYS D 67 27.64 -16.07 39.76
C LYS D 67 28.85 -16.83 39.25
N GLY D 68 29.74 -16.10 38.58
CA GLY D 68 30.96 -16.72 38.08
C GLY D 68 30.95 -17.41 36.74
N LEU D 69 30.13 -16.93 35.81
CA LEU D 69 30.10 -17.55 34.49
C LEU D 69 31.19 -16.94 33.62
N ALA D 70 32.07 -17.79 33.08
CA ALA D 70 33.15 -17.36 32.21
C ALA D 70 33.03 -18.18 30.94
N TRP D 71 33.07 -17.51 29.80
CA TRP D 71 32.91 -18.19 28.53
C TRP D 71 33.96 -19.21 28.13
N ASP D 72 33.47 -20.41 27.84
CA ASP D 72 34.28 -21.55 27.40
C ASP D 72 33.40 -22.19 26.32
N GLU D 73 33.88 -23.24 25.69
CA GLU D 73 33.10 -23.87 24.64
C GLU D 73 31.80 -24.52 25.12
N GLU D 74 31.83 -25.18 26.27
CA GLU D 74 30.65 -25.84 26.81
C GLU D 74 29.46 -24.91 26.97
N HIS D 75 29.62 -23.84 27.75
CA HIS D 75 28.54 -22.90 27.95
C HIS D 75 28.24 -22.09 26.70
N PHE D 76 29.28 -21.79 25.92
CA PHE D 76 29.11 -21.03 24.69
C PHE D 76 28.12 -21.72 23.76
N VAL D 77 28.39 -22.98 23.45
CA VAL D 77 27.52 -23.75 22.58
C VAL D 77 26.06 -23.82 23.06
N GLN D 78 25.87 -23.91 24.38
CA GLN D 78 24.52 -23.98 24.93
C GLN D 78 23.77 -22.66 24.75
N TYR D 79 24.45 -21.57 25.08
CA TYR D 79 23.88 -20.23 25.01
C TYR D 79 23.42 -19.76 23.62
N VAL D 80 24.25 -19.97 22.60
CA VAL D 80 23.88 -19.52 21.26
C VAL D 80 22.71 -20.27 20.64
N GLN D 81 22.35 -21.42 21.19
CA GLN D 81 21.22 -22.19 20.66
C GLN D 81 19.92 -21.58 21.16
N ASP D 82 19.97 -21.03 22.37
CA ASP D 82 18.83 -20.39 22.97
C ASP D 82 19.34 -19.56 24.15
N PRO D 83 19.57 -18.26 23.91
CA PRO D 83 20.05 -17.38 24.97
C PRO D 83 19.18 -17.34 26.22
N THR D 84 17.86 -17.27 26.01
CA THR D 84 16.92 -17.21 27.13
C THR D 84 16.89 -18.48 27.99
N LYS D 85 16.71 -19.63 27.35
CA LYS D 85 16.68 -20.89 28.08
C LYS D 85 17.97 -21.04 28.87
N PHE D 86 19.10 -20.85 28.18
CA PHE D 86 20.42 -20.96 28.81
C PHE D 86 20.56 -20.12 30.08
N LEU D 87 20.15 -18.86 29.99
CA LEU D 87 20.26 -17.96 31.12
C LEU D 87 19.29 -18.25 32.26
N LYS D 88 18.17 -18.90 31.94
CA LYS D 88 17.18 -19.24 32.96
C LYS D 88 17.73 -20.37 33.83
N GLU D 89 18.28 -21.39 33.21
CA GLU D 89 18.85 -22.51 33.93
C GLU D 89 20.02 -22.04 34.80
N TYR D 90 21.12 -21.64 34.15
CA TYR D 90 22.32 -21.19 34.82
C TYR D 90 22.05 -20.28 36.01
N THR D 91 21.33 -19.19 35.76
CA THR D 91 21.02 -18.20 36.79
C THR D 91 20.17 -18.77 37.92
N GLY D 92 19.46 -19.86 37.64
CA GLY D 92 18.61 -20.47 38.63
C GLY D 92 17.23 -19.83 38.56
N ASP D 93 17.21 -18.53 38.26
CA ASP D 93 15.96 -17.77 38.16
C ASP D 93 15.09 -18.41 37.07
N ALA D 94 13.84 -17.97 36.99
CA ALA D 94 12.92 -18.51 35.99
C ALA D 94 12.47 -17.39 35.06
N LYS D 95 12.34 -16.19 35.60
CA LYS D 95 11.92 -15.03 34.82
C LYS D 95 13.12 -14.26 34.26
N ALA D 96 14.26 -14.94 34.14
CA ALA D 96 15.45 -14.31 33.60
C ALA D 96 15.29 -14.25 32.08
N LYS D 97 15.58 -13.09 31.49
CA LYS D 97 15.43 -12.90 30.05
C LYS D 97 16.73 -12.49 29.37
N GLY D 98 16.97 -13.02 28.18
CA GLY D 98 18.17 -12.68 27.43
C GLY D 98 17.84 -11.63 26.39
N LYS D 99 18.76 -10.71 26.13
CA LYS D 99 18.51 -9.67 25.14
C LYS D 99 18.94 -10.02 23.72
N MET D 100 19.66 -11.12 23.56
CA MET D 100 20.11 -11.54 22.23
C MET D 100 18.94 -12.21 21.54
N THR D 101 18.38 -11.55 20.53
CA THR D 101 17.23 -12.10 19.82
C THR D 101 17.61 -12.90 18.59
N PHE D 102 18.40 -13.95 18.80
CA PHE D 102 18.84 -14.81 17.70
C PHE D 102 19.14 -16.21 18.24
N LYS D 103 18.95 -17.23 17.42
CA LYS D 103 19.20 -18.61 17.82
C LYS D 103 19.95 -19.39 16.74
N LEU D 104 21.11 -19.94 17.10
CA LEU D 104 21.88 -20.75 16.16
C LEU D 104 21.35 -22.16 16.32
N LYS D 105 20.78 -22.71 15.26
CA LYS D 105 20.20 -24.05 15.26
C LYS D 105 21.19 -25.20 15.37
N LYS D 106 22.06 -25.33 14.36
CA LYS D 106 23.05 -26.41 14.30
C LYS D 106 24.14 -26.31 15.36
N GLU D 107 24.27 -27.35 16.18
CA GLU D 107 25.28 -27.39 17.23
C GLU D 107 26.69 -27.46 16.64
N ALA D 108 26.78 -27.93 15.41
CA ALA D 108 28.08 -28.02 14.74
C ALA D 108 28.65 -26.63 14.53
N ASP D 109 27.83 -25.71 14.04
CA ASP D 109 28.27 -24.34 13.81
C ASP D 109 28.69 -23.67 15.11
N ALA D 110 28.10 -24.10 16.22
CA ALA D 110 28.45 -23.56 17.53
C ALA D 110 29.90 -23.85 17.84
N HIS D 111 30.32 -25.08 17.57
CA HIS D 111 31.69 -25.51 17.81
C HIS D 111 32.64 -24.87 16.80
N ASN D 112 32.20 -24.75 15.55
CA ASN D 112 33.03 -24.13 14.52
C ASN D 112 33.30 -22.67 14.82
N ILE D 113 32.27 -21.94 15.25
CA ILE D 113 32.45 -20.54 15.57
C ILE D 113 33.36 -20.38 16.77
N TRP D 114 33.20 -21.27 17.75
CA TRP D 114 34.05 -21.20 18.94
C TRP D 114 35.52 -21.44 18.58
N ALA D 115 35.76 -22.28 17.59
CA ALA D 115 37.11 -22.57 17.14
C ALA D 115 37.65 -21.36 16.40
N TYR D 116 36.73 -20.56 15.87
CA TYR D 116 37.13 -19.37 15.14
C TYR D 116 37.47 -18.27 16.13
N LEU D 117 36.78 -18.28 17.27
CA LEU D 117 37.00 -17.28 18.31
C LEU D 117 38.32 -17.49 19.04
N GLN D 118 38.75 -18.75 19.16
CA GLN D 118 40.00 -19.05 19.82
C GLN D 118 41.15 -18.71 18.90
N GLN D 119 40.89 -18.76 17.60
CA GLN D 119 41.90 -18.45 16.62
C GLN D 119 42.12 -16.95 16.43
N VAL D 120 41.08 -16.13 16.62
CA VAL D 120 41.25 -14.69 16.43
C VAL D 120 40.71 -13.78 17.52
N ALA D 121 39.99 -14.34 18.49
CA ALA D 121 39.41 -13.50 19.55
C ALA D 121 39.97 -13.69 20.96
N VAL D 122 41.05 -14.44 21.09
CA VAL D 122 41.65 -14.65 22.41
C VAL D 122 42.60 -13.52 22.76
N ARG D 123 42.32 -12.85 23.87
CA ARG D 123 43.18 -11.76 24.33
C ARG D 123 44.35 -12.39 25.09
N PRO D 124 45.54 -12.43 24.46
CA PRO D 124 46.74 -13.03 25.07
C PRO D 124 46.95 -12.73 26.56
#